data_7E9F
#
_entry.id   7E9F
#
_cell.length_a   1.00
_cell.length_b   1.00
_cell.length_c   1.00
_cell.angle_alpha   90.00
_cell.angle_beta   90.00
_cell.angle_gamma   90.00
#
_symmetry.space_group_name_H-M   'P 1'
#
loop_
_entity.id
_entity.type
_entity.pdbx_description
1 polymer 'Histone H3'
2 polymer 'Histone H4'
3 polymer 'Histone H2A.2'
4 polymer 'Histone H2B.2'
5 polymer 'DNA (147-mer)'
6 polymer 'DNA (147-mer)'
7 polymer 'Origin recognition complex subunit 1'
#
loop_
_entity_poly.entity_id
_entity_poly.type
_entity_poly.pdbx_seq_one_letter_code
_entity_poly.pdbx_strand_id
1 'polypeptide(L)'
;MARTKQTARKSTGGKAPRKQLASKAARKSAPSTGGVKKPHRYKPGTVALREIRRFQKSTELLIRKLPFQRLVREIAQDFK
TDLRFQSSAIGALQESVEAYLVSLFEDTNLAAIHAKRVTIQKKDIKLARRLRGE
;
A,E
2 'polypeptide(L)'
;MSGRGKGGKGLGKGGAKRHRKILRDNIQGITKPAIRRLARRGGVKRISGLIYEEVRAVLKSFLESVIRDSVTYTEHAKRK
TVTSLDVVYALKRQGRTLYGFGG
;
B,F
3 'polypeptide(L)'
;MSGGKGGKAGSAAKASQSRSAKAGLTFPVGRVHRLLRRGNYAQRIGSGAPVYLTAVLEYLAAEILELAGNAARDNKKTRI
IPRHLQLAIRNDDELNKLLGNVTIAQGGVLPNIHQNLLPKKSAKTAKASQEL
;
C,G
4 'polypeptide(L)'
;MSSAAEKKPASKAPAEKKPAAKKTSTSVDGKKRSKVRKETYSSYIYKVLKQTHPDTGISQKSMSILNSFVNDIFERIATE
ASKLAAYNKKSTISAREIQTAVRLILPGELAKHAVSEGTRAVTKYSSSTQA
;
D,H
5 'polydeoxyribonucleotide'
;(DC)(DT)(DG)(DG)(DA)(DG)(DA)(DA)(DT)(DC)(DC)(DC)(DG)(DG)(DT)(DG)(DC)(DC)(DG)(DA)
(DG)(DG)(DC)(DC)(DG)(DC)(DT)(DC)(DA)(DA)(DT)(DT)(DG)(DG)(DT)(DC)(DG)(DT)(DA)(DG)
(DA)(DC)(DA)(DG)(DC)(DT)(DC)(DT)(DA)(DG)(DC)(DA)(DC)(DC)(DG)(DC)(DT)(DT)(DA)(DA)
(DA)(DC)(DG)(DC)(DA)(DC)(DG)(DT)(DA)(DC)(DG)(DC)(DG)(DC)(DT)(DG)(DT)(DC)(DC)(DC)
(DC)(DC)(DG)(DC)(DG)(DT)(DT)(DT)(DT)(DA)(DA)(DC)(DC)(DG)(DC)(DC)(DA)(DA)(DG)(DG)
(DG)(DG)(DA)(DT)(DT)(DA)(DC)(DT)(DC)(DC)(DC)(DT)(DA)(DG)(DT)(DC)(DT)(DC)(DC)(DA)
(DG)(DG)(DC)(DA)(DC)(DG)(DT)(DG)(DT)(DC)(DA)(DG)(DA)(DT)(DA)(DT)(DA)(DT)(DA)(DC)
(DA)(DT)(DC)(DC)(DT)(DG)(DT)
;
I
6 'polydeoxyribonucleotide'
;(DA)(DC)(DA)(DG)(DG)(DA)(DT)(DG)(DT)(DA)(DT)(DA)(DT)(DA)(DT)(DC)(DT)(DG)(DA)(DC)
(DA)(DC)(DG)(DT)(DG)(DC)(DC)(DT)(DG)(DG)(DA)(DG)(DA)(DC)(DT)(DA)(DG)(DG)(DG)(DA)
(DG)(DT)(DA)(DA)(DT)(DC)(DC)(DC)(DC)(DT)(DT)(DG)(DG)(DC)(DG)(DG)(DT)(DT)(DA)(DA)
(DA)(DA)(DC)(DG)(DC)(DG)(DG)(DG)(DG)(DG)(DA)(DC)(DA)(DG)(DC)(DG)(DC)(DG)(DT)(DA)
(DC)(DG)(DT)(DG)(DC)(DG)(DT)(DT)(DT)(DA)(DA)(DG)(DC)(DG)(DG)(DT)(DG)(DC)(DT)(DA)
(DG)(DA)(DG)(DC)(DT)(DG)(DT)(DC)(DT)(DA)(DC)(DG)(DA)(DC)(DC)(DA)(DA)(DT)(DT)(DG)
(DA)(DG)(DC)(DG)(DG)(DC)(DC)(DT)(DC)(DG)(DG)(DC)(DA)(DC)(DC)(DG)(DG)(DG)(DA)(DT)
(DT)(DC)(DT)(DC)(DC)(DA)(DG)
;
J
7 'polypeptide(L)'
;(ACE)AKTLKDLQGWEIITTDEQGNIIDGGQKRLRRRGAKTEHYLKRSSDGIKLGRGDSVVMHNEAAGTYSVYMIQELRL
NTLNNVVELWALTYLRWFEVNPLAHYRQFNPDANILNRPLNYYNKLFSETANKNELYLTAELAELQLFNFIRVANVMDGS
KWEVLKGNVDPERDFTVRYICEPTGEKFVDINIEDVKAYIKKVEPREAQEYLKDLTLPSKKKE
;
K,L
#
# COMPACT_ATOMS: atom_id res chain seq x y z
N LYS A 43 -8.78 26.15 -38.08
CA LYS A 43 -7.44 25.69 -37.72
C LYS A 43 -7.50 24.31 -37.08
N PRO A 44 -6.57 23.42 -37.45
CA PRO A 44 -6.54 22.09 -36.85
C PRO A 44 -5.79 22.11 -35.52
N GLY A 45 -6.36 21.39 -34.54
CA GLY A 45 -5.72 21.23 -33.26
C GLY A 45 -6.10 22.25 -32.21
N THR A 46 -7.15 23.05 -32.41
CA THR A 46 -7.58 24.01 -31.43
C THR A 46 -8.91 23.66 -30.76
N VAL A 47 -9.74 22.82 -31.38
CA VAL A 47 -10.95 22.35 -30.70
C VAL A 47 -10.67 21.16 -29.81
N ALA A 48 -9.50 20.53 -29.95
CA ALA A 48 -9.08 19.53 -28.98
C ALA A 48 -8.80 20.17 -27.63
N LEU A 49 -8.19 21.36 -27.62
CA LEU A 49 -8.02 22.11 -26.38
C LEU A 49 -9.35 22.61 -25.84
N ARG A 50 -10.32 22.87 -26.73
CA ARG A 50 -11.66 23.23 -26.27
C ARG A 50 -12.35 22.04 -25.60
N GLU A 51 -12.16 20.84 -26.14
CA GLU A 51 -12.72 19.65 -25.50
C GLU A 51 -12.01 19.33 -24.19
N ILE A 52 -10.71 19.64 -24.12
CA ILE A 52 -9.95 19.50 -22.87
C ILE A 52 -10.48 20.46 -21.82
N ARG A 53 -10.73 21.72 -22.20
CA ARG A 53 -11.28 22.70 -21.27
C ARG A 53 -12.72 22.38 -20.89
N ARG A 54 -13.47 21.71 -21.77
CA ARG A 54 -14.83 21.30 -21.42
C ARG A 54 -14.82 20.15 -20.42
N PHE A 55 -13.96 19.14 -20.65
CA PHE A 55 -13.96 17.98 -19.78
C PHE A 55 -13.10 18.14 -18.54
N GLN A 56 -12.32 19.21 -18.43
CA GLN A 56 -11.62 19.49 -17.19
C GLN A 56 -12.49 20.27 -16.20
N LYS A 57 -13.32 21.17 -16.72
CA LYS A 57 -14.25 21.89 -15.84
C LYS A 57 -15.41 21.01 -15.42
N SER A 58 -15.80 20.04 -16.25
CA SER A 58 -16.89 19.16 -15.93
C SER A 58 -16.42 18.01 -15.02
N THR A 59 -17.40 17.30 -14.47
CA THR A 59 -17.13 16.17 -13.59
C THR A 59 -18.08 15.01 -13.88
N GLU A 60 -18.56 14.91 -15.11
CA GLU A 60 -19.54 13.90 -15.49
C GLU A 60 -18.85 12.56 -15.72
N LEU A 61 -19.62 11.57 -16.18
CA LEU A 61 -19.12 10.24 -16.44
C LEU A 61 -18.89 10.10 -17.95
N LEU A 62 -17.63 9.99 -18.35
CA LEU A 62 -17.31 9.86 -19.77
C LEU A 62 -17.63 8.46 -20.28
N ILE A 63 -17.25 7.43 -19.51
CA ILE A 63 -17.59 6.06 -19.88
C ILE A 63 -19.07 5.83 -19.65
N ARG A 64 -19.72 5.21 -20.63
CA ARG A 64 -21.15 4.96 -20.54
C ARG A 64 -21.45 3.89 -19.50
N LYS A 65 -22.69 3.91 -18.99
CA LYS A 65 -23.05 3.06 -17.86
C LYS A 65 -23.27 1.62 -18.29
N LEU A 66 -24.10 1.41 -19.32
CA LEU A 66 -24.51 0.06 -19.72
C LEU A 66 -23.42 -0.76 -20.43
N PRO A 67 -22.57 -0.21 -21.33
CA PRO A 67 -21.45 -1.03 -21.80
C PRO A 67 -20.44 -1.38 -20.72
N PHE A 68 -20.20 -0.47 -19.78
CA PHE A 68 -19.31 -0.79 -18.66
C PHE A 68 -19.94 -1.84 -17.76
N GLN A 69 -21.25 -1.80 -17.59
CA GLN A 69 -21.96 -2.81 -16.81
C GLN A 69 -21.89 -4.17 -17.47
N ARG A 70 -22.05 -4.21 -18.80
CA ARG A 70 -21.90 -5.46 -19.54
C ARG A 70 -20.47 -5.97 -19.47
N LEU A 71 -19.49 -5.07 -19.45
CA LEU A 71 -18.08 -5.45 -19.35
C LEU A 71 -17.77 -6.06 -17.98
N VAL A 72 -18.26 -5.43 -16.91
CA VAL A 72 -18.05 -5.94 -15.56
C VAL A 72 -18.76 -7.29 -15.38
N ARG A 73 -19.93 -7.42 -16.01
CA ARG A 73 -20.67 -8.68 -15.92
C ARG A 73 -19.96 -9.80 -16.69
N GLU A 74 -19.43 -9.52 -17.88
CA GLU A 74 -18.74 -10.57 -18.62
C GLU A 74 -17.37 -10.88 -18.03
N ILE A 75 -16.78 -9.96 -17.27
CA ILE A 75 -15.53 -10.27 -16.58
C ILE A 75 -15.81 -11.11 -15.34
N ALA A 76 -16.87 -10.80 -14.59
CA ALA A 76 -17.24 -11.62 -13.45
C ALA A 76 -17.95 -12.91 -13.83
N GLN A 77 -18.29 -13.09 -15.10
CA GLN A 77 -18.90 -14.34 -15.56
C GLN A 77 -17.96 -15.53 -15.40
N ASP A 78 -16.64 -15.30 -15.42
CA ASP A 78 -15.66 -16.35 -15.19
C ASP A 78 -15.39 -16.59 -13.71
N PHE A 79 -16.09 -15.89 -12.81
CA PHE A 79 -15.87 -16.04 -11.38
C PHE A 79 -17.11 -16.49 -10.61
N LYS A 80 -18.31 -16.13 -11.06
CA LYS A 80 -19.54 -16.61 -10.45
C LYS A 80 -20.68 -16.49 -11.45
N THR A 81 -21.31 -17.61 -11.78
CA THR A 81 -22.48 -17.60 -12.65
C THR A 81 -23.70 -17.18 -11.84
N ASP A 82 -24.59 -16.42 -12.50
CA ASP A 82 -25.81 -15.84 -11.93
C ASP A 82 -25.48 -14.95 -10.72
N LEU A 83 -24.45 -14.13 -10.89
CA LEU A 83 -24.01 -13.20 -9.86
C LEU A 83 -24.55 -11.81 -10.21
N ARG A 84 -25.41 -11.28 -9.36
CA ARG A 84 -26.01 -9.97 -9.58
C ARG A 84 -25.16 -8.89 -8.94
N PHE A 85 -25.23 -7.69 -9.52
CA PHE A 85 -24.47 -6.54 -9.04
C PHE A 85 -25.42 -5.51 -8.47
N GLN A 86 -25.01 -4.88 -7.37
CA GLN A 86 -25.71 -3.69 -6.89
C GLN A 86 -25.44 -2.53 -7.83
N SER A 87 -26.46 -1.72 -8.09
CA SER A 87 -26.34 -0.61 -9.03
C SER A 87 -25.41 0.49 -8.53
N SER A 88 -25.22 0.60 -7.21
CA SER A 88 -24.23 1.53 -6.69
C SER A 88 -22.82 1.01 -6.92
N ALA A 89 -22.63 -0.31 -6.89
CA ALA A 89 -21.30 -0.89 -7.04
C ALA A 89 -20.79 -0.74 -8.47
N ILE A 90 -21.70 -0.76 -9.45
CA ILE A 90 -21.29 -0.60 -10.85
C ILE A 90 -20.82 0.83 -11.09
N GLY A 91 -21.53 1.81 -10.56
CA GLY A 91 -21.07 3.20 -10.64
C GLY A 91 -19.81 3.45 -9.84
N ALA A 92 -19.64 2.72 -8.72
CA ALA A 92 -18.40 2.81 -7.95
C ALA A 92 -17.21 2.28 -8.74
N LEU A 93 -17.38 1.14 -9.40
CA LEU A 93 -16.37 0.59 -10.28
C LEU A 93 -16.10 1.51 -11.46
N GLN A 94 -17.15 2.18 -11.98
CA GLN A 94 -16.99 3.12 -13.08
C GLN A 94 -16.17 4.34 -12.66
N GLU A 95 -16.40 4.84 -11.46
CA GLU A 95 -15.63 5.98 -10.97
C GLU A 95 -14.18 5.59 -10.70
N SER A 96 -13.95 4.39 -10.16
CA SER A 96 -12.58 3.94 -9.93
C SER A 96 -11.83 3.69 -11.24
N VAL A 97 -12.53 3.12 -12.23
CA VAL A 97 -11.95 2.93 -13.57
C VAL A 97 -11.64 4.27 -14.22
N GLU A 98 -12.54 5.25 -14.07
CA GLU A 98 -12.32 6.55 -14.67
C GLU A 98 -11.14 7.28 -14.04
N ALA A 99 -11.05 7.26 -12.71
CA ALA A 99 -9.95 7.91 -12.01
C ALA A 99 -8.63 7.16 -12.16
N TYR A 100 -8.66 5.87 -12.44
CA TYR A 100 -7.44 5.15 -12.78
C TYR A 100 -6.99 5.43 -14.20
N LEU A 101 -7.95 5.51 -15.14
CA LEU A 101 -7.60 5.69 -16.54
C LEU A 101 -7.14 7.12 -16.83
N VAL A 102 -7.71 8.12 -16.15
CA VAL A 102 -7.21 9.48 -16.40
C VAL A 102 -5.85 9.68 -15.72
N SER A 103 -5.58 8.99 -14.61
CA SER A 103 -4.27 9.03 -13.99
C SER A 103 -3.23 8.28 -14.81
N LEU A 104 -3.65 7.25 -15.55
CA LEU A 104 -2.76 6.60 -16.50
C LEU A 104 -2.50 7.49 -17.72
N PHE A 105 -3.55 8.16 -18.21
CA PHE A 105 -3.42 8.97 -19.42
C PHE A 105 -2.63 10.24 -19.18
N GLU A 106 -2.72 10.82 -18.00
CA GLU A 106 -1.92 12.01 -17.68
C GLU A 106 -0.43 11.66 -17.65
N ASP A 107 -0.08 10.54 -17.03
CA ASP A 107 1.31 10.10 -17.01
C ASP A 107 1.78 9.66 -18.40
N THR A 108 0.87 9.11 -19.21
CA THR A 108 1.22 8.73 -20.58
C THR A 108 1.50 9.95 -21.45
N ASN A 109 0.68 11.00 -21.30
CA ASN A 109 0.92 12.25 -22.00
C ASN A 109 2.18 12.94 -21.49
N LEU A 110 2.50 12.79 -20.21
CA LEU A 110 3.76 13.33 -19.70
C LEU A 110 4.97 12.57 -20.23
N ALA A 111 4.83 11.25 -20.41
CA ALA A 111 5.91 10.47 -21.01
C ALA A 111 6.09 10.81 -22.48
N ALA A 112 5.00 11.15 -23.16
CA ALA A 112 5.11 11.60 -24.54
C ALA A 112 5.71 13.00 -24.63
N ILE A 113 5.39 13.87 -23.67
CA ILE A 113 5.93 15.23 -23.66
C ILE A 113 7.42 15.22 -23.36
N HIS A 114 7.85 14.35 -22.44
CA HIS A 114 9.26 14.22 -22.12
C HIS A 114 10.07 13.66 -23.29
N ALA A 115 9.43 12.83 -24.13
CA ALA A 115 10.06 12.28 -25.33
C ALA A 115 9.96 13.20 -26.54
N LYS A 116 9.73 14.50 -26.31
CA LYS A 116 9.68 15.54 -27.35
C LYS A 116 8.62 15.27 -28.41
N ARG A 117 7.44 14.83 -27.96
CA ARG A 117 6.32 14.58 -28.85
C ARG A 117 5.05 15.13 -28.20
N VAL A 118 4.02 15.29 -29.02
CA VAL A 118 2.70 15.70 -28.53
C VAL A 118 1.65 14.61 -28.70
N THR A 119 1.92 13.58 -29.50
CA THR A 119 1.05 12.43 -29.60
C THR A 119 1.62 11.30 -28.75
N ILE A 120 0.76 10.34 -28.43
CA ILE A 120 1.12 9.21 -27.58
C ILE A 120 1.23 7.97 -28.45
N GLN A 121 1.91 6.95 -27.93
CA GLN A 121 2.07 5.68 -28.63
C GLN A 121 1.79 4.53 -27.67
N LYS A 122 1.88 3.31 -28.19
CA LYS A 122 1.71 2.12 -27.36
C LYS A 122 2.87 1.94 -26.39
N LYS A 123 4.06 2.38 -26.80
CA LYS A 123 5.26 2.25 -25.95
C LYS A 123 5.16 3.12 -24.70
N ASP A 124 4.45 4.24 -24.79
CA ASP A 124 4.26 5.10 -23.62
C ASP A 124 3.42 4.42 -22.55
N ILE A 125 2.32 3.78 -22.96
CA ILE A 125 1.49 3.08 -21.99
C ILE A 125 2.16 1.80 -21.51
N LYS A 126 2.98 1.17 -22.37
CA LYS A 126 3.78 0.03 -21.93
C LYS A 126 4.78 0.43 -20.86
N LEU A 127 5.40 1.60 -21.02
CA LEU A 127 6.29 2.14 -20.00
C LEU A 127 5.54 2.49 -18.73
N ALA A 128 4.38 3.13 -18.86
CA ALA A 128 3.60 3.55 -17.70
C ALA A 128 3.07 2.35 -16.92
N ARG A 129 2.81 1.24 -17.60
CA ARG A 129 2.47 0.02 -16.88
C ARG A 129 3.71 -0.63 -16.28
N ARG A 130 4.87 -0.47 -16.91
CA ARG A 130 6.10 -0.99 -16.33
C ARG A 130 6.75 -0.01 -15.36
N LEU A 131 6.21 1.19 -15.21
CA LEU A 131 6.59 2.13 -14.17
C LEU A 131 5.60 2.17 -13.00
N ARG A 132 4.50 1.42 -13.08
CA ARG A 132 3.51 1.41 -12.01
C ARG A 132 3.06 -0.01 -11.69
N GLY A 133 3.91 -1.00 -11.98
CA GLY A 133 3.57 -2.38 -11.70
C GLY A 133 2.60 -2.97 -12.70
N ARG B 20 -26.73 -15.55 -18.16
CA ARG B 20 -26.53 -16.41 -19.31
C ARG B 20 -26.52 -15.60 -20.60
N LYS B 21 -26.04 -14.36 -20.51
CA LYS B 21 -25.96 -13.50 -21.67
C LYS B 21 -24.68 -13.79 -22.45
N ILE B 22 -24.81 -13.82 -23.78
CA ILE B 22 -23.66 -14.07 -24.66
C ILE B 22 -22.99 -12.73 -24.91
N LEU B 23 -22.13 -12.35 -23.96
CA LEU B 23 -21.39 -11.09 -24.04
C LEU B 23 -20.05 -11.39 -24.67
N ARG B 24 -20.05 -11.51 -26.00
CA ARG B 24 -18.87 -11.91 -26.77
C ARG B 24 -17.96 -10.70 -26.92
N ASP B 25 -16.96 -10.60 -26.04
CA ASP B 25 -15.91 -9.57 -26.06
C ASP B 25 -16.51 -8.16 -25.98
N ASN B 26 -17.16 -7.88 -24.86
CA ASN B 26 -17.77 -6.58 -24.61
C ASN B 26 -16.77 -5.53 -24.14
N ILE B 27 -15.48 -5.86 -24.14
CA ILE B 27 -14.43 -4.86 -23.95
C ILE B 27 -14.37 -3.91 -25.15
N GLN B 28 -14.89 -4.32 -26.31
CA GLN B 28 -15.12 -3.40 -27.41
C GLN B 28 -16.26 -2.43 -27.13
N GLY B 29 -17.07 -2.69 -26.11
CA GLY B 29 -18.12 -1.76 -25.70
C GLY B 29 -17.58 -0.42 -25.21
N ILE B 30 -16.36 -0.39 -24.69
CA ILE B 30 -15.68 0.87 -24.42
C ILE B 30 -15.12 1.35 -25.75
N THR B 31 -15.91 2.16 -26.46
CA THR B 31 -15.60 2.53 -27.83
C THR B 31 -14.45 3.54 -27.89
N LYS B 32 -13.96 3.78 -29.11
CA LYS B 32 -12.83 4.67 -29.33
C LYS B 32 -13.06 6.13 -28.91
N PRO B 33 -14.22 6.77 -29.16
CA PRO B 33 -14.41 8.13 -28.58
C PRO B 33 -14.51 8.15 -27.06
N ALA B 34 -14.79 7.03 -26.40
CA ALA B 34 -14.77 7.03 -24.94
C ALA B 34 -13.35 7.14 -24.41
N ILE B 35 -12.42 6.39 -24.99
CA ILE B 35 -11.00 6.54 -24.67
C ILE B 35 -10.50 7.92 -25.09
N ARG B 36 -11.04 8.46 -26.19
CA ARG B 36 -10.70 9.82 -26.60
C ARG B 36 -11.15 10.85 -25.56
N ARG B 37 -12.36 10.70 -25.02
CA ARG B 37 -12.85 11.62 -24.01
C ARG B 37 -12.07 11.48 -22.69
N LEU B 38 -11.70 10.25 -22.35
CA LEU B 38 -10.87 10.02 -21.16
C LEU B 38 -9.49 10.65 -21.33
N ALA B 39 -8.94 10.62 -22.54
CA ALA B 39 -7.65 11.23 -22.79
C ALA B 39 -7.73 12.76 -22.81
N ARG B 40 -8.85 13.30 -23.30
CA ARG B 40 -9.04 14.74 -23.24
C ARG B 40 -9.26 15.22 -21.80
N ARG B 41 -9.85 14.37 -20.96
CA ARG B 41 -9.88 14.68 -19.53
C ARG B 41 -8.50 14.60 -18.92
N GLY B 42 -7.70 13.61 -19.34
CA GLY B 42 -6.34 13.50 -18.83
C GLY B 42 -5.37 14.53 -19.37
N GLY B 43 -5.71 15.18 -20.48
CA GLY B 43 -4.86 16.21 -21.02
C GLY B 43 -3.99 15.75 -22.18
N VAL B 44 -4.58 14.99 -23.10
CA VAL B 44 -3.87 14.46 -24.26
C VAL B 44 -4.35 15.21 -25.49
N LYS B 45 -3.42 15.71 -26.30
CA LYS B 45 -3.80 16.46 -27.49
C LYS B 45 -4.29 15.53 -28.59
N ARG B 46 -3.52 14.49 -28.90
CA ARG B 46 -3.86 13.57 -29.97
C ARG B 46 -3.36 12.17 -29.64
N ILE B 47 -4.09 11.17 -30.12
CA ILE B 47 -3.90 9.77 -29.78
C ILE B 47 -3.54 9.00 -31.05
N SER B 48 -2.61 8.05 -30.92
CA SER B 48 -2.35 7.19 -32.06
C SER B 48 -3.46 6.15 -32.22
N GLY B 49 -3.48 5.51 -33.38
CA GLY B 49 -4.50 4.52 -33.69
C GLY B 49 -4.24 3.14 -33.15
N LEU B 50 -3.04 2.87 -32.66
CA LEU B 50 -2.67 1.57 -32.10
C LEU B 50 -2.67 1.62 -30.57
N ILE B 51 -3.60 2.39 -30.00
CA ILE B 51 -3.64 2.62 -28.55
C ILE B 51 -4.97 2.13 -28.01
N TYR B 52 -6.02 2.22 -28.84
CA TYR B 52 -7.35 1.84 -28.40
C TYR B 52 -7.46 0.34 -28.19
N GLU B 53 -6.67 -0.45 -28.92
CA GLU B 53 -6.59 -1.88 -28.65
C GLU B 53 -5.78 -2.17 -27.39
N GLU B 54 -4.87 -1.28 -27.02
CA GLU B 54 -4.01 -1.52 -25.86
C GLU B 54 -4.67 -1.04 -24.57
N VAL B 55 -5.38 0.09 -24.61
CA VAL B 55 -6.00 0.67 -23.42
C VAL B 55 -7.13 -0.23 -22.92
N ARG B 56 -7.86 -0.85 -23.84
CA ARG B 56 -8.91 -1.79 -23.43
C ARG B 56 -8.33 -3.06 -22.83
N ALA B 57 -7.12 -3.45 -23.25
CA ALA B 57 -6.45 -4.59 -22.63
C ALA B 57 -5.95 -4.24 -21.23
N VAL B 58 -5.45 -3.01 -21.05
CA VAL B 58 -5.07 -2.52 -19.73
C VAL B 58 -6.28 -2.49 -18.80
N LEU B 59 -7.43 -2.04 -19.32
CA LEU B 59 -8.66 -2.01 -18.55
C LEU B 59 -9.12 -3.42 -18.19
N LYS B 60 -8.98 -4.37 -19.12
CA LYS B 60 -9.32 -5.76 -18.83
C LYS B 60 -8.41 -6.35 -17.76
N SER B 61 -7.11 -6.04 -17.81
CA SER B 61 -6.18 -6.54 -16.81
C SER B 61 -6.42 -5.91 -15.44
N PHE B 62 -6.88 -4.65 -15.40
CA PHE B 62 -7.18 -4.02 -14.12
C PHE B 62 -8.47 -4.56 -13.52
N LEU B 63 -9.51 -4.70 -14.35
CA LEU B 63 -10.78 -5.20 -13.86
C LEU B 63 -10.70 -6.68 -13.52
N GLU B 64 -9.81 -7.44 -14.17
CA GLU B 64 -9.62 -8.85 -13.84
C GLU B 64 -9.02 -9.02 -12.45
N SER B 65 -8.32 -8.00 -11.95
CA SER B 65 -7.85 -8.05 -10.57
C SER B 65 -8.93 -7.57 -9.61
N VAL B 66 -9.48 -6.38 -9.86
CA VAL B 66 -10.35 -5.78 -8.84
C VAL B 66 -11.72 -6.45 -8.77
N ILE B 67 -12.26 -6.93 -9.89
CA ILE B 67 -13.55 -7.62 -9.87
C ILE B 67 -13.41 -8.99 -9.23
N ARG B 68 -12.29 -9.67 -9.48
CA ARG B 68 -12.06 -10.97 -8.85
C ARG B 68 -11.86 -10.83 -7.34
N ASP B 69 -11.19 -9.75 -6.91
CA ASP B 69 -11.07 -9.46 -5.48
C ASP B 69 -12.44 -9.18 -4.85
N SER B 70 -13.29 -8.41 -5.55
CA SER B 70 -14.62 -8.14 -5.03
C SER B 70 -15.51 -9.37 -5.01
N VAL B 71 -15.34 -10.27 -5.98
CA VAL B 71 -16.12 -11.51 -6.01
C VAL B 71 -15.72 -12.43 -4.88
N THR B 72 -14.42 -12.54 -4.60
CA THR B 72 -13.98 -13.31 -3.45
C THR B 72 -14.41 -12.67 -2.14
N TYR B 73 -14.47 -11.34 -2.09
CA TYR B 73 -14.99 -10.65 -0.92
C TYR B 73 -16.47 -10.94 -0.69
N THR B 74 -17.28 -10.89 -1.75
CA THR B 74 -18.71 -11.07 -1.58
C THR B 74 -19.12 -12.54 -1.49
N GLU B 75 -18.26 -13.48 -1.91
CA GLU B 75 -18.55 -14.88 -1.70
C GLU B 75 -17.85 -15.43 -0.46
N HIS B 76 -17.02 -14.61 0.20
CA HIS B 76 -16.61 -14.92 1.56
C HIS B 76 -17.80 -14.88 2.51
N ALA B 77 -18.67 -13.88 2.35
CA ALA B 77 -19.79 -13.64 3.26
C ALA B 77 -21.03 -14.45 2.91
N LYS B 78 -20.89 -15.48 2.06
CA LYS B 78 -21.99 -16.35 1.60
C LYS B 78 -23.11 -15.57 0.94
N ARG B 79 -22.77 -14.50 0.23
CA ARG B 79 -23.75 -13.64 -0.42
C ARG B 79 -23.86 -13.99 -1.91
N LYS B 80 -24.73 -13.26 -2.60
CA LYS B 80 -24.85 -13.41 -4.05
C LYS B 80 -24.95 -12.07 -4.76
N THR B 81 -24.88 -10.96 -4.04
CA THR B 81 -24.86 -9.62 -4.61
C THR B 81 -23.51 -8.98 -4.32
N VAL B 82 -22.95 -8.31 -5.31
CA VAL B 82 -21.73 -7.53 -5.14
C VAL B 82 -22.16 -6.10 -4.80
N THR B 83 -22.14 -5.77 -3.51
CA THR B 83 -22.57 -4.45 -3.10
C THR B 83 -21.42 -3.45 -3.23
N SER B 84 -21.75 -2.18 -2.98
CA SER B 84 -20.75 -1.12 -3.08
C SER B 84 -19.69 -1.25 -1.99
N LEU B 85 -20.06 -1.84 -0.84
CA LEU B 85 -19.09 -2.08 0.22
C LEU B 85 -18.03 -3.08 -0.22
N ASP B 86 -18.43 -4.10 -1.00
CA ASP B 86 -17.50 -5.13 -1.45
C ASP B 86 -16.47 -4.55 -2.41
N VAL B 87 -16.91 -3.75 -3.38
CA VAL B 87 -15.95 -3.18 -4.33
C VAL B 87 -15.12 -2.09 -3.68
N VAL B 88 -15.67 -1.35 -2.71
CA VAL B 88 -14.84 -0.34 -2.07
C VAL B 88 -13.84 -0.97 -1.12
N TYR B 89 -14.13 -2.13 -0.54
CA TYR B 89 -13.13 -2.82 0.27
C TYR B 89 -12.06 -3.47 -0.61
N ALA B 90 -12.47 -4.00 -1.77
CA ALA B 90 -11.50 -4.56 -2.70
C ALA B 90 -10.60 -3.49 -3.29
N LEU B 91 -11.11 -2.27 -3.47
CA LEU B 91 -10.26 -1.17 -3.90
C LEU B 91 -9.43 -0.62 -2.75
N LYS B 92 -9.93 -0.73 -1.51
CA LYS B 92 -9.15 -0.32 -0.34
C LYS B 92 -7.96 -1.23 -0.11
N ARG B 93 -8.12 -2.53 -0.38
CA ARG B 93 -7.01 -3.46 -0.20
C ARG B 93 -5.94 -3.30 -1.28
N GLN B 94 -6.33 -2.89 -2.49
CA GLN B 94 -5.40 -2.76 -3.60
C GLN B 94 -4.68 -1.42 -3.62
N GLY B 95 -4.88 -0.55 -2.64
CA GLY B 95 -4.27 0.75 -2.67
C GLY B 95 -4.92 1.73 -3.62
N ARG B 96 -6.18 1.52 -3.95
CA ARG B 96 -6.96 2.37 -4.84
C ARG B 96 -8.22 2.84 -4.15
N THR B 97 -8.06 3.39 -2.94
CA THR B 97 -9.14 3.61 -1.98
C THR B 97 -10.20 4.59 -2.47
N LEU B 98 -11.37 4.06 -2.78
CA LEU B 98 -12.50 4.85 -3.23
C LEU B 98 -13.24 5.44 -2.03
N TYR B 99 -13.82 6.62 -2.23
CA TYR B 99 -14.61 7.29 -1.21
C TYR B 99 -16.07 7.39 -1.64
N GLY B 100 -16.92 7.74 -0.70
CA GLY B 100 -18.32 8.01 -1.01
C GLY B 100 -19.21 6.81 -1.12
N PHE B 101 -18.78 5.64 -0.65
CA PHE B 101 -19.62 4.45 -0.69
C PHE B 101 -19.61 3.64 0.59
N GLY B 102 -18.69 3.89 1.51
CA GLY B 102 -18.64 3.14 2.76
C GLY B 102 -17.30 3.25 3.46
N GLN C 17 1.76 -37.58 17.95
CA GLN C 17 0.84 -37.58 19.09
C GLN C 17 0.37 -36.17 19.40
N SER C 18 1.23 -35.20 19.14
CA SER C 18 0.93 -33.80 19.42
C SER C 18 0.01 -33.24 18.34
N ARG C 19 -0.28 -31.94 18.45
CA ARG C 19 -1.22 -31.29 17.53
C ARG C 19 -0.62 -31.14 16.13
N SER C 20 0.67 -30.80 16.05
CA SER C 20 1.33 -30.71 14.76
C SER C 20 1.51 -32.08 14.12
N ALA C 21 1.69 -33.11 14.94
CA ALA C 21 1.78 -34.47 14.41
C ALA C 21 0.41 -35.01 14.04
N LYS C 22 -0.64 -34.60 14.75
CA LYS C 22 -1.99 -34.99 14.36
C LYS C 22 -2.41 -34.28 13.08
N ALA C 23 -1.91 -33.07 12.85
CA ALA C 23 -2.13 -32.40 11.57
C ALA C 23 -1.29 -33.05 10.47
N GLY C 24 -0.14 -33.58 10.82
CA GLY C 24 0.75 -34.17 9.84
C GLY C 24 1.67 -33.20 9.15
N LEU C 25 1.96 -32.05 9.78
CA LEU C 25 2.78 -31.01 9.19
C LEU C 25 4.03 -30.78 10.03
N THR C 26 4.96 -30.02 9.48
CA THR C 26 6.23 -29.75 10.13
C THR C 26 6.32 -28.33 10.69
N PHE C 27 5.20 -27.63 10.78
CA PHE C 27 5.17 -26.27 11.30
C PHE C 27 4.33 -26.24 12.57
N PRO C 28 4.69 -25.39 13.57
CA PRO C 28 3.97 -25.43 14.86
C PRO C 28 2.57 -24.85 14.79
N VAL C 29 1.57 -25.68 15.12
CA VAL C 29 0.18 -25.22 15.15
C VAL C 29 -0.08 -24.42 16.42
N GLY C 30 0.52 -24.83 17.54
CA GLY C 30 0.27 -24.15 18.80
C GLY C 30 0.87 -22.76 18.88
N ARG C 31 2.04 -22.57 18.27
CA ARG C 31 2.65 -21.24 18.23
C ARG C 31 1.85 -20.30 17.34
N VAL C 32 1.32 -20.82 16.24
CA VAL C 32 0.45 -20.04 15.37
C VAL C 32 -0.84 -19.64 16.09
N HIS C 33 -1.42 -20.57 16.84
CA HIS C 33 -2.64 -20.28 17.60
C HIS C 33 -2.37 -19.27 18.72
N ARG C 34 -1.23 -19.39 19.39
CA ARG C 34 -0.89 -18.46 20.47
C ARG C 34 -0.60 -17.06 19.92
N LEU C 35 0.08 -16.97 18.77
CA LEU C 35 0.34 -15.67 18.18
C LEU C 35 -0.93 -15.05 17.60
N LEU C 36 -1.86 -15.88 17.12
CA LEU C 36 -3.16 -15.37 16.67
C LEU C 36 -3.99 -14.87 17.85
N ARG C 37 -3.88 -15.53 19.01
CA ARG C 37 -4.60 -15.07 20.18
C ARG C 37 -3.99 -13.80 20.75
N ARG C 38 -2.67 -13.69 20.73
CA ARG C 38 -1.99 -12.55 21.32
C ARG C 38 -1.79 -11.39 20.36
N GLY C 39 -2.13 -11.56 19.08
CA GLY C 39 -1.92 -10.51 18.11
C GLY C 39 -3.11 -9.60 17.85
N ASN C 40 -4.20 -9.77 18.60
CA ASN C 40 -5.43 -8.97 18.51
C ASN C 40 -6.02 -8.99 17.11
N TYR C 41 -6.14 -10.19 16.54
CA TYR C 41 -6.76 -10.34 15.22
C TYR C 41 -8.23 -10.69 15.30
N ALA C 42 -8.69 -11.23 16.43
CA ALA C 42 -10.10 -11.48 16.67
C ALA C 42 -10.31 -11.59 18.18
N GLN C 43 -11.56 -11.76 18.57
CA GLN C 43 -11.86 -12.06 19.97
C GLN C 43 -11.84 -13.56 20.21
N ARG C 44 -12.49 -14.33 19.35
CA ARG C 44 -12.48 -15.78 19.40
C ARG C 44 -11.85 -16.33 18.12
N ILE C 45 -11.30 -17.54 18.22
CA ILE C 45 -10.58 -18.17 17.11
C ILE C 45 -11.04 -19.62 17.00
N GLY C 46 -11.44 -20.03 15.81
CA GLY C 46 -11.88 -21.38 15.57
C GLY C 46 -10.74 -22.39 15.57
N SER C 47 -11.10 -23.65 15.37
CA SER C 47 -10.12 -24.73 15.45
C SER C 47 -9.34 -24.88 14.14
N GLY C 48 -10.02 -24.80 13.01
CA GLY C 48 -9.36 -25.01 11.73
C GLY C 48 -8.49 -23.86 11.26
N ALA C 49 -8.64 -22.68 11.86
CA ALA C 49 -7.89 -21.51 11.40
C ALA C 49 -6.39 -21.59 11.64
N PRO C 50 -5.87 -21.94 12.84
CA PRO C 50 -4.40 -21.98 12.96
C PRO C 50 -3.76 -23.13 12.21
N VAL C 51 -4.45 -24.26 12.06
CA VAL C 51 -3.86 -25.36 11.29
C VAL C 51 -3.93 -25.07 9.79
N TYR C 52 -4.93 -24.31 9.34
CA TYR C 52 -4.95 -23.86 7.94
C TYR C 52 -3.83 -22.87 7.66
N LEU C 53 -3.60 -21.94 8.58
CA LEU C 53 -2.48 -21.00 8.40
C LEU C 53 -1.14 -21.71 8.51
N THR C 54 -1.05 -22.72 9.37
CA THR C 54 0.14 -23.55 9.48
C THR C 54 0.43 -24.28 8.17
N ALA C 55 -0.61 -24.83 7.55
CA ALA C 55 -0.45 -25.54 6.29
C ALA C 55 -0.02 -24.60 5.16
N VAL C 56 -0.63 -23.41 5.09
CA VAL C 56 -0.25 -22.52 4.00
C VAL C 56 1.13 -21.90 4.23
N LEU C 57 1.55 -21.71 5.49
CA LEU C 57 2.90 -21.23 5.75
C LEU C 57 3.93 -22.30 5.43
N GLU C 58 3.62 -23.57 5.75
CA GLU C 58 4.51 -24.67 5.41
C GLU C 58 4.63 -24.85 3.90
N TYR C 59 3.51 -24.68 3.17
CA TYR C 59 3.56 -24.80 1.72
C TYR C 59 4.37 -23.67 1.09
N LEU C 60 4.19 -22.43 1.58
CA LEU C 60 4.94 -21.30 1.03
C LEU C 60 6.43 -21.43 1.32
N ALA C 61 6.79 -21.83 2.55
CA ALA C 61 8.19 -22.03 2.88
C ALA C 61 8.80 -23.18 2.09
N ALA C 62 8.03 -24.25 1.86
CA ALA C 62 8.54 -25.39 1.09
C ALA C 62 8.74 -25.02 -0.37
N GLU C 63 7.85 -24.21 -0.94
CA GLU C 63 8.02 -23.81 -2.34
C GLU C 63 9.19 -22.86 -2.52
N ILE C 64 9.34 -21.89 -1.60
CA ILE C 64 10.46 -20.95 -1.74
C ILE C 64 11.79 -21.65 -1.42
N LEU C 65 11.77 -22.67 -0.56
CA LEU C 65 12.99 -23.42 -0.29
C LEU C 65 13.35 -24.36 -1.43
N GLU C 66 12.35 -24.92 -2.12
CA GLU C 66 12.61 -25.74 -3.29
C GLU C 66 13.18 -24.91 -4.43
N LEU C 67 12.65 -23.70 -4.63
CA LEU C 67 13.21 -22.83 -5.67
C LEU C 67 14.60 -22.33 -5.30
N ALA C 68 14.85 -22.06 -4.01
CA ALA C 68 16.19 -21.67 -3.58
C ALA C 68 17.18 -22.82 -3.73
N GLY C 69 16.73 -24.05 -3.47
CA GLY C 69 17.59 -25.21 -3.70
C GLY C 69 17.84 -25.47 -5.16
N ASN C 70 16.87 -25.15 -6.02
CA ASN C 70 17.10 -25.23 -7.46
C ASN C 70 18.14 -24.21 -7.92
N ALA C 71 18.07 -22.99 -7.35
CA ALA C 71 19.08 -21.98 -7.66
C ALA C 71 20.45 -22.38 -7.15
N ALA C 72 20.50 -23.02 -5.97
CA ALA C 72 21.79 -23.46 -5.42
C ALA C 72 22.36 -24.62 -6.21
N ARG C 73 21.51 -25.50 -6.73
CA ARG C 73 21.99 -26.59 -7.57
C ARG C 73 22.43 -26.08 -8.94
N ASP C 74 21.78 -25.05 -9.46
CA ASP C 74 22.17 -24.46 -10.74
C ASP C 74 23.31 -23.46 -10.60
N ASN C 75 23.74 -23.15 -9.37
CA ASN C 75 24.89 -22.29 -9.16
C ASN C 75 26.05 -23.02 -8.49
N LYS C 76 25.96 -24.35 -8.35
CA LYS C 76 27.02 -25.22 -7.83
C LYS C 76 27.44 -24.84 -6.40
N LYS C 77 26.45 -24.53 -5.57
CA LYS C 77 26.70 -24.19 -4.17
C LYS C 77 25.80 -25.03 -3.27
N THR C 78 26.33 -25.39 -2.10
CA THR C 78 25.65 -26.31 -1.19
C THR C 78 24.89 -25.60 -0.09
N ARG C 79 24.93 -24.26 -0.03
CA ARG C 79 24.23 -23.51 0.99
C ARG C 79 23.42 -22.40 0.35
N ILE C 80 22.24 -22.13 0.93
CA ILE C 80 21.34 -21.11 0.40
C ILE C 80 21.84 -19.73 0.81
N ILE C 81 22.42 -19.01 -0.15
CA ILE C 81 22.84 -17.63 0.05
C ILE C 81 21.64 -16.75 -0.27
N PRO C 82 21.61 -15.49 0.18
CA PRO C 82 20.47 -14.61 -0.18
C PRO C 82 20.35 -14.32 -1.67
N ARG C 83 21.45 -14.42 -2.42
CA ARG C 83 21.38 -14.27 -3.87
C ARG C 83 20.58 -15.39 -4.50
N HIS C 84 20.70 -16.61 -3.95
CA HIS C 84 19.91 -17.73 -4.43
C HIS C 84 18.42 -17.51 -4.17
N LEU C 85 18.09 -16.91 -3.02
CA LEU C 85 16.69 -16.64 -2.69
C LEU C 85 16.11 -15.54 -3.57
N GLN C 86 16.89 -14.49 -3.84
CA GLN C 86 16.36 -13.44 -4.71
C GLN C 86 16.26 -13.90 -6.16
N LEU C 87 17.23 -14.69 -6.64
CA LEU C 87 17.10 -15.24 -7.99
C LEU C 87 15.95 -16.21 -8.10
N ALA C 88 15.67 -16.97 -7.04
CA ALA C 88 14.53 -17.87 -7.03
C ALA C 88 13.21 -17.11 -6.99
N ILE C 89 13.17 -15.97 -6.31
CA ILE C 89 11.94 -15.20 -6.25
C ILE C 89 11.68 -14.48 -7.57
N ARG C 90 12.69 -13.76 -8.06
CA ARG C 90 12.50 -12.95 -9.28
C ARG C 90 12.47 -13.81 -10.54
N ASN C 91 12.98 -15.04 -10.50
CA ASN C 91 12.82 -15.92 -11.64
C ASN C 91 11.42 -16.49 -11.73
N ASP C 92 10.71 -16.58 -10.61
CA ASP C 92 9.32 -17.00 -10.63
C ASP C 92 8.40 -15.82 -10.94
N ASP C 93 7.22 -16.14 -11.44
CA ASP C 93 6.26 -15.12 -11.83
C ASP C 93 5.32 -14.74 -10.69
N GLU C 94 4.64 -15.75 -10.11
CA GLU C 94 3.65 -15.48 -9.08
C GLU C 94 4.30 -15.11 -7.75
N LEU C 95 5.50 -15.62 -7.48
CA LEU C 95 6.22 -15.22 -6.27
C LEU C 95 6.72 -13.78 -6.37
N ASN C 96 6.99 -13.31 -7.58
CA ASN C 96 7.34 -11.90 -7.76
C ASN C 96 6.14 -11.00 -7.63
N LYS C 97 4.96 -11.47 -8.04
CA LYS C 97 3.73 -10.69 -7.86
C LYS C 97 3.30 -10.66 -6.40
N LEU C 98 3.58 -11.74 -5.66
CA LEU C 98 3.30 -11.73 -4.23
C LEU C 98 4.28 -10.86 -3.47
N LEU C 99 5.52 -10.78 -3.94
CA LEU C 99 6.56 -10.04 -3.22
C LEU C 99 7.08 -8.90 -4.08
N GLY C 100 6.18 -8.12 -4.68
CA GLY C 100 6.61 -7.02 -5.51
C GLY C 100 7.23 -5.88 -4.70
N ASN C 101 6.63 -5.55 -3.57
CA ASN C 101 7.17 -4.52 -2.68
C ASN C 101 8.03 -5.17 -1.60
N VAL C 102 8.99 -5.98 -2.03
CA VAL C 102 9.91 -6.69 -1.15
C VAL C 102 11.33 -6.50 -1.67
N THR C 103 12.20 -5.96 -0.83
CA THR C 103 13.62 -5.77 -1.16
C THR C 103 14.41 -6.71 -0.25
N ILE C 104 15.11 -7.66 -0.87
CA ILE C 104 15.90 -8.62 -0.11
C ILE C 104 17.31 -8.09 0.07
N ALA C 105 17.80 -8.10 1.31
CA ALA C 105 19.15 -7.66 1.59
C ALA C 105 20.18 -8.70 1.12
N GLN C 106 21.35 -8.19 0.72
CA GLN C 106 22.52 -8.97 0.27
C GLN C 106 22.21 -9.86 -0.92
N GLY C 107 21.43 -9.34 -1.88
CA GLY C 107 21.00 -10.17 -2.99
C GLY C 107 21.16 -9.54 -4.36
N GLY C 108 21.41 -8.23 -4.38
CA GLY C 108 21.66 -7.52 -5.61
C GLY C 108 20.43 -7.26 -6.47
N VAL C 109 20.42 -7.83 -7.68
CA VAL C 109 19.35 -7.57 -8.64
C VAL C 109 19.27 -8.76 -9.59
N LEU C 110 18.10 -8.94 -10.21
CA LEU C 110 17.94 -9.96 -11.24
C LEU C 110 18.73 -9.60 -12.48
N PRO C 111 19.47 -10.55 -13.07
CA PRO C 111 20.23 -10.27 -14.30
C PRO C 111 19.32 -10.22 -15.51
N ASN C 112 19.14 -9.01 -16.07
CA ASN C 112 18.42 -8.83 -17.31
C ASN C 112 18.99 -7.61 -18.03
N ILE C 113 18.86 -7.60 -19.35
CA ILE C 113 19.37 -6.51 -20.17
C ILE C 113 18.30 -6.12 -21.18
N HIS C 114 18.40 -4.89 -21.67
CA HIS C 114 17.48 -4.40 -22.68
C HIS C 114 18.03 -4.65 -24.07
N GLN C 115 17.13 -4.89 -25.03
CA GLN C 115 17.55 -5.23 -26.38
C GLN C 115 18.03 -4.01 -27.15
N ASN C 116 17.60 -2.81 -26.75
CA ASN C 116 17.96 -1.58 -27.43
C ASN C 116 19.22 -0.93 -26.86
N LEU C 117 20.10 -1.71 -26.22
CA LEU C 117 21.34 -1.18 -25.68
C LEU C 117 22.53 -1.87 -26.33
N VAL D 36 17.07 -13.84 24.27
CA VAL D 36 16.76 -15.01 25.09
C VAL D 36 15.25 -15.22 25.09
N ARG D 37 14.84 -16.46 24.80
CA ARG D 37 13.44 -16.88 24.62
C ARG D 37 12.74 -16.02 23.56
N LYS D 38 13.34 -16.03 22.37
CA LYS D 38 12.82 -15.32 21.20
C LYS D 38 12.54 -16.37 20.13
N GLU D 39 11.26 -16.67 19.92
CA GLU D 39 10.86 -17.77 19.05
C GLU D 39 10.94 -17.35 17.58
N THR D 40 11.61 -18.16 16.78
CA THR D 40 11.64 -18.03 15.32
C THR D 40 11.07 -19.31 14.71
N TYR D 41 11.14 -19.41 13.39
CA TYR D 41 10.75 -20.61 12.66
C TYR D 41 11.96 -21.29 12.04
N SER D 42 13.09 -21.29 12.76
CA SER D 42 14.34 -21.74 12.18
C SER D 42 14.39 -23.26 12.03
N SER D 43 14.04 -23.99 13.09
CA SER D 43 14.11 -25.44 13.06
C SER D 43 13.08 -26.05 12.12
N TYR D 44 11.90 -25.42 12.02
CA TYR D 44 10.88 -25.95 11.12
C TYR D 44 11.24 -25.71 9.66
N ILE D 45 11.85 -24.56 9.36
CA ILE D 45 12.31 -24.29 8.00
C ILE D 45 13.47 -25.23 7.65
N TYR D 46 14.35 -25.49 8.62
CA TYR D 46 15.44 -26.45 8.39
C TYR D 46 14.92 -27.87 8.17
N LYS D 47 13.87 -28.25 8.91
CA LYS D 47 13.30 -29.59 8.76
C LYS D 47 12.53 -29.73 7.46
N VAL D 48 11.85 -28.67 7.01
CA VAL D 48 11.14 -28.76 5.74
C VAL D 48 12.10 -28.61 4.56
N LEU D 49 13.30 -28.07 4.80
CA LEU D 49 14.32 -28.09 3.75
C LEU D 49 14.99 -29.45 3.67
N LYS D 50 15.24 -30.10 4.81
CA LYS D 50 15.98 -31.35 4.85
C LYS D 50 15.12 -32.57 4.55
N GLN D 51 13.94 -32.43 3.96
CA GLN D 51 13.15 -33.56 3.51
C GLN D 51 12.88 -33.54 2.01
N THR D 52 13.31 -32.49 1.31
CA THR D 52 13.27 -32.43 -0.14
C THR D 52 14.64 -32.24 -0.76
N HIS D 53 15.48 -31.39 -0.16
CA HIS D 53 16.87 -31.22 -0.58
C HIS D 53 17.76 -31.48 0.63
N PRO D 54 18.01 -32.76 0.95
CA PRO D 54 18.72 -33.07 2.20
C PRO D 54 20.22 -32.81 2.15
N ASP D 55 20.79 -32.58 0.97
CA ASP D 55 22.22 -32.34 0.84
C ASP D 55 22.55 -30.86 0.67
N THR D 56 21.58 -29.98 0.87
CA THR D 56 21.77 -28.54 0.71
C THR D 56 21.64 -27.86 2.06
N GLY D 57 22.68 -27.13 2.46
CA GLY D 57 22.63 -26.33 3.67
C GLY D 57 21.93 -25.01 3.45
N ILE D 58 21.94 -24.20 4.50
CA ILE D 58 21.27 -22.89 4.46
C ILE D 58 22.01 -21.96 5.42
N SER D 59 22.24 -20.72 4.98
CA SER D 59 22.94 -19.75 5.79
C SER D 59 22.01 -19.19 6.87
N GLN D 60 22.61 -18.57 7.88
CA GLN D 60 21.83 -17.94 8.94
C GLN D 60 21.16 -16.66 8.47
N LYS D 61 21.80 -15.96 7.53
CA LYS D 61 21.18 -14.75 6.96
C LYS D 61 19.96 -15.11 6.13
N SER D 62 20.06 -16.17 5.32
CA SER D 62 18.90 -16.65 4.57
C SER D 62 17.86 -17.26 5.50
N MET D 63 18.30 -17.80 6.64
CA MET D 63 17.35 -18.29 7.65
C MET D 63 16.54 -17.14 8.24
N SER D 64 17.20 -16.03 8.57
CA SER D 64 16.49 -14.85 9.05
C SER D 64 15.61 -14.23 7.96
N ILE D 65 16.05 -14.31 6.70
CA ILE D 65 15.26 -13.83 5.57
C ILE D 65 13.96 -14.63 5.46
N LEU D 66 14.07 -15.96 5.53
CA LEU D 66 12.88 -16.80 5.44
C LEU D 66 12.00 -16.67 6.67
N ASN D 67 12.59 -16.43 7.84
CA ASN D 67 11.81 -16.22 9.06
C ASN D 67 11.00 -14.93 8.99
N SER D 68 11.63 -13.83 8.55
CA SER D 68 10.91 -12.58 8.35
C SER D 68 9.90 -12.69 7.21
N PHE D 69 10.19 -13.53 6.21
CA PHE D 69 9.28 -13.76 5.10
C PHE D 69 7.99 -14.44 5.55
N VAL D 70 8.12 -15.53 6.32
CA VAL D 70 6.93 -16.22 6.79
C VAL D 70 6.25 -15.42 7.90
N ASN D 71 6.98 -14.58 8.63
CA ASN D 71 6.34 -13.71 9.62
C ASN D 71 5.54 -12.61 8.95
N ASP D 72 6.05 -12.07 7.84
CA ASP D 72 5.31 -11.07 7.08
C ASP D 72 4.07 -11.67 6.43
N ILE D 73 4.18 -12.90 5.93
CA ILE D 73 2.99 -13.57 5.38
C ILE D 73 1.99 -13.89 6.49
N PHE D 74 2.47 -14.26 7.67
CA PHE D 74 1.58 -14.55 8.80
C PHE D 74 0.81 -13.30 9.23
N GLU D 75 1.51 -12.17 9.39
CA GLU D 75 0.83 -10.95 9.78
C GLU D 75 -0.02 -10.38 8.65
N ARG D 76 0.32 -10.66 7.39
CA ARG D 76 -0.52 -10.24 6.27
C ARG D 76 -1.84 -11.00 6.26
N ILE D 77 -1.79 -12.32 6.42
CA ILE D 77 -3.00 -13.14 6.47
C ILE D 77 -3.80 -12.83 7.72
N ALA D 78 -3.13 -12.51 8.84
CA ALA D 78 -3.84 -12.21 10.08
C ALA D 78 -4.54 -10.85 10.00
N THR D 79 -3.86 -9.83 9.48
CA THR D 79 -4.49 -8.52 9.32
C THR D 79 -5.51 -8.50 8.19
N GLU D 80 -5.44 -9.43 7.24
CA GLU D 80 -6.52 -9.57 6.27
C GLU D 80 -7.74 -10.25 6.88
N ALA D 81 -7.53 -11.31 7.66
CA ALA D 81 -8.63 -12.04 8.27
C ALA D 81 -9.31 -11.22 9.36
N SER D 82 -8.57 -10.33 10.02
CA SER D 82 -9.15 -9.45 11.03
C SER D 82 -10.15 -8.49 10.39
N LYS D 83 -9.72 -7.78 9.35
CA LYS D 83 -10.62 -6.87 8.64
C LYS D 83 -11.70 -7.63 7.87
N LEU D 84 -11.46 -8.89 7.51
CA LEU D 84 -12.48 -9.69 6.84
C LEU D 84 -13.57 -10.16 7.79
N ALA D 85 -13.19 -10.53 9.01
CA ALA D 85 -14.18 -10.86 10.03
C ALA D 85 -14.87 -9.61 10.58
N ALA D 86 -14.23 -8.45 10.47
CA ALA D 86 -14.89 -7.22 10.88
C ALA D 86 -15.95 -6.78 9.89
N TYR D 87 -15.85 -7.23 8.63
CA TYR D 87 -16.79 -6.81 7.60
C TYR D 87 -18.14 -7.53 7.69
N ASN D 88 -18.20 -8.69 8.33
CA ASN D 88 -19.45 -9.42 8.50
C ASN D 88 -19.95 -9.39 9.94
N LYS D 89 -19.39 -8.51 10.77
CA LYS D 89 -19.70 -8.33 12.19
C LYS D 89 -19.52 -9.62 13.01
N LYS D 90 -18.57 -10.47 12.62
CA LYS D 90 -18.29 -11.69 13.35
C LYS D 90 -17.13 -11.47 14.32
N SER D 91 -16.86 -12.48 15.14
CA SER D 91 -15.77 -12.42 16.10
C SER D 91 -14.99 -13.73 16.17
N THR D 92 -15.19 -14.64 15.21
CA THR D 92 -14.55 -15.96 15.22
C THR D 92 -13.85 -16.17 13.89
N ILE D 93 -12.52 -16.10 13.90
CA ILE D 93 -11.75 -16.46 12.72
C ILE D 93 -11.72 -17.96 12.59
N SER D 94 -12.21 -18.47 11.47
CA SER D 94 -12.26 -19.90 11.20
C SER D 94 -11.41 -20.20 9.97
N ALA D 95 -11.48 -21.44 9.48
CA ALA D 95 -10.75 -21.81 8.28
C ALA D 95 -11.30 -21.14 7.04
N ARG D 96 -12.60 -20.78 7.06
CA ARG D 96 -13.20 -20.06 5.94
C ARG D 96 -12.60 -18.66 5.80
N GLU D 97 -12.41 -17.97 6.93
CA GLU D 97 -11.87 -16.61 6.90
C GLU D 97 -10.42 -16.59 6.43
N ILE D 98 -9.60 -17.49 6.95
CA ILE D 98 -8.20 -17.54 6.54
C ILE D 98 -8.06 -18.05 5.11
N GLN D 99 -8.92 -18.96 4.67
CA GLN D 99 -8.90 -19.42 3.28
C GLN D 99 -9.29 -18.32 2.31
N THR D 100 -10.29 -17.51 2.67
CA THR D 100 -10.68 -16.39 1.82
C THR D 100 -9.60 -15.31 1.81
N ALA D 101 -8.98 -15.05 2.97
CA ALA D 101 -7.91 -14.06 3.03
C ALA D 101 -6.66 -14.50 2.26
N VAL D 102 -6.39 -15.80 2.24
CA VAL D 102 -5.20 -16.28 1.55
C VAL D 102 -5.46 -16.50 0.05
N ARG D 103 -6.72 -16.62 -0.36
CA ARG D 103 -7.00 -16.50 -1.78
C ARG D 103 -7.16 -15.05 -2.22
N LEU D 104 -7.31 -14.13 -1.27
CA LEU D 104 -7.23 -12.71 -1.59
C LEU D 104 -5.79 -12.21 -1.67
N ILE D 105 -4.88 -12.75 -0.89
CA ILE D 105 -3.51 -12.24 -0.84
C ILE D 105 -2.64 -12.88 -1.91
N LEU D 106 -2.59 -14.21 -1.98
CA LEU D 106 -1.67 -14.87 -2.91
C LEU D 106 -2.24 -14.82 -4.32
N PRO D 107 -1.47 -14.37 -5.31
CA PRO D 107 -2.00 -14.24 -6.67
C PRO D 107 -1.76 -15.46 -7.54
N GLY D 108 -2.70 -15.69 -8.46
CA GLY D 108 -2.51 -16.72 -9.47
C GLY D 108 -2.82 -18.12 -8.95
N GLU D 109 -2.21 -19.11 -9.60
CA GLU D 109 -2.41 -20.51 -9.24
C GLU D 109 -1.63 -20.92 -8.01
N LEU D 110 -0.77 -20.04 -7.48
CA LEU D 110 -0.08 -20.33 -6.23
C LEU D 110 -1.07 -20.43 -5.08
N ALA D 111 -2.08 -19.55 -5.06
CA ALA D 111 -3.16 -19.69 -4.08
C ALA D 111 -4.02 -20.92 -4.34
N LYS D 112 -4.15 -21.31 -5.61
CA LYS D 112 -4.91 -22.50 -5.96
C LYS D 112 -4.25 -23.77 -5.46
N HIS D 113 -2.91 -23.81 -5.47
CA HIS D 113 -2.22 -24.93 -4.87
C HIS D 113 -2.17 -24.81 -3.35
N ALA D 114 -2.16 -23.58 -2.83
CA ALA D 114 -2.06 -23.35 -1.40
C ALA D 114 -3.32 -23.79 -0.66
N VAL D 115 -4.50 -23.45 -1.19
CA VAL D 115 -5.73 -23.87 -0.53
C VAL D 115 -5.96 -25.36 -0.72
N SER D 116 -5.44 -25.93 -1.81
CA SER D 116 -5.52 -27.38 -2.01
C SER D 116 -4.62 -28.14 -1.04
N GLU D 117 -3.50 -27.54 -0.63
CA GLU D 117 -2.69 -28.15 0.42
C GLU D 117 -3.31 -27.92 1.80
N GLY D 118 -3.89 -26.73 2.01
CA GLY D 118 -4.45 -26.41 3.32
C GLY D 118 -5.67 -27.22 3.67
N THR D 119 -6.58 -27.42 2.71
CA THR D 119 -7.75 -28.27 2.95
C THR D 119 -7.36 -29.73 3.13
N ARG D 120 -6.36 -30.19 2.38
CA ARG D 120 -5.88 -31.56 2.51
C ARG D 120 -5.19 -31.78 3.86
N ALA D 121 -4.61 -30.72 4.43
CA ALA D 121 -4.03 -30.84 5.76
C ALA D 121 -5.09 -30.78 6.86
N VAL D 122 -6.07 -29.87 6.74
CA VAL D 122 -7.06 -29.74 7.81
C VAL D 122 -8.07 -30.88 7.80
N THR D 123 -8.27 -31.57 6.66
CA THR D 123 -9.09 -32.77 6.68
C THR D 123 -8.42 -33.89 7.46
N LYS D 124 -7.11 -34.05 7.28
CA LYS D 124 -6.35 -35.03 8.07
C LYS D 124 -6.27 -34.63 9.53
N TYR D 125 -6.26 -33.32 9.82
CA TYR D 125 -6.21 -32.87 11.21
C TYR D 125 -7.55 -33.10 11.91
N SER D 126 -8.63 -32.54 11.37
CA SER D 126 -9.93 -32.61 12.04
C SER D 126 -10.59 -33.97 11.88
N SER D 127 -10.15 -34.80 10.94
CA SER D 127 -10.73 -36.13 10.79
C SER D 127 -10.28 -37.09 11.87
N SER D 128 -9.14 -36.83 12.51
CA SER D 128 -8.63 -37.69 13.56
C SER D 128 -9.41 -37.47 14.86
N VAL E 47 34.16 -2.60 -22.02
CA VAL E 47 34.52 -2.02 -20.73
C VAL E 47 33.26 -1.67 -19.96
N ALA E 48 32.25 -1.16 -20.69
CA ALA E 48 30.98 -0.81 -20.06
C ALA E 48 30.19 -2.05 -19.68
N LEU E 49 29.85 -2.88 -20.67
CA LEU E 49 29.04 -4.07 -20.44
C LEU E 49 29.76 -5.11 -19.58
N ARG E 50 31.09 -5.08 -19.56
CA ARG E 50 31.84 -5.85 -18.57
C ARG E 50 31.55 -5.36 -17.16
N GLU E 51 31.39 -4.04 -16.97
CA GLU E 51 31.06 -3.51 -15.66
C GLU E 51 29.62 -3.81 -15.27
N ILE E 52 28.70 -3.82 -16.25
CA ILE E 52 27.34 -4.28 -16.01
C ILE E 52 27.32 -5.75 -15.59
N ARG E 53 28.08 -6.59 -16.30
CA ARG E 53 28.14 -8.01 -15.96
C ARG E 53 28.81 -8.26 -14.62
N ARG E 54 29.73 -7.39 -14.22
CA ARG E 54 30.35 -7.52 -12.91
C ARG E 54 29.40 -7.10 -11.78
N PHE E 55 28.82 -5.90 -11.89
CA PHE E 55 27.98 -5.38 -10.84
C PHE E 55 26.55 -5.90 -10.89
N GLN E 56 26.23 -6.78 -11.84
CA GLN E 56 24.92 -7.40 -11.93
C GLN E 56 24.91 -8.84 -11.41
N LYS E 57 26.08 -9.40 -11.14
CA LYS E 57 26.20 -10.77 -10.63
C LYS E 57 26.61 -10.82 -9.16
N SER E 58 27.40 -9.84 -8.69
CA SER E 58 27.87 -9.81 -7.33
C SER E 58 26.93 -8.98 -6.46
N THR E 59 26.87 -9.35 -5.18
CA THR E 59 25.93 -8.77 -4.23
C THR E 59 26.62 -7.94 -3.15
N GLU E 60 27.66 -7.21 -3.52
CA GLU E 60 28.44 -6.46 -2.55
C GLU E 60 27.75 -5.15 -2.20
N LEU E 61 28.24 -4.50 -1.14
CA LEU E 61 27.76 -3.18 -0.75
C LEU E 61 28.30 -2.15 -1.73
N LEU E 62 27.41 -1.62 -2.58
CA LEU E 62 27.82 -0.65 -3.59
C LEU E 62 28.11 0.71 -2.96
N ILE E 63 27.14 1.26 -2.24
CA ILE E 63 27.37 2.50 -1.51
C ILE E 63 28.25 2.22 -0.31
N ARG E 64 29.18 3.13 -0.03
CA ARG E 64 30.13 2.93 1.05
C ARG E 64 29.44 3.05 2.41
N LYS E 65 30.06 2.43 3.42
CA LYS E 65 29.40 2.27 4.70
C LYS E 65 29.43 3.56 5.52
N LEU E 66 30.61 4.14 5.69
CA LEU E 66 30.76 5.34 6.52
C LEU E 66 30.22 6.64 5.89
N PRO E 67 30.30 6.86 4.56
CA PRO E 67 29.48 7.95 3.98
C PRO E 67 27.99 7.79 4.19
N PHE E 68 27.46 6.56 4.09
CA PHE E 68 26.05 6.33 4.37
C PHE E 68 25.73 6.57 5.85
N GLN E 69 26.67 6.22 6.73
CA GLN E 69 26.54 6.47 8.16
C GLN E 69 26.44 7.96 8.45
N ARG E 70 27.37 8.74 7.88
CA ARG E 70 27.36 10.19 8.06
C ARG E 70 26.13 10.82 7.42
N LEU E 71 25.65 10.24 6.32
CA LEU E 71 24.47 10.78 5.64
C LEU E 71 23.21 10.58 6.48
N VAL E 72 22.99 9.36 6.98
CA VAL E 72 21.80 9.13 7.79
C VAL E 72 21.92 9.79 9.15
N ARG E 73 23.14 10.03 9.65
CA ARG E 73 23.27 10.78 10.90
C ARG E 73 22.98 12.26 10.69
N GLU E 74 23.42 12.82 9.55
CA GLU E 74 23.12 14.21 9.22
C GLU E 74 21.62 14.40 8.97
N ILE E 75 20.95 13.39 8.43
CA ILE E 75 19.51 13.52 8.21
C ILE E 75 18.75 13.33 9.52
N ALA E 76 19.17 12.39 10.36
CA ALA E 76 18.48 12.14 11.63
C ALA E 76 18.80 13.17 12.69
N GLN E 77 19.84 13.99 12.52
CA GLN E 77 20.16 15.01 13.51
C GLN E 77 19.16 16.17 13.51
N ASP E 78 18.35 16.31 12.45
CA ASP E 78 17.27 17.29 12.45
C ASP E 78 16.00 16.78 13.12
N PHE E 79 15.98 15.51 13.54
CA PHE E 79 14.82 14.91 14.18
C PHE E 79 15.07 14.51 15.62
N LYS E 80 16.29 14.12 15.97
CA LYS E 80 16.66 13.84 17.35
C LYS E 80 18.17 13.97 17.50
N THR E 81 18.61 14.91 18.33
CA THR E 81 20.03 15.06 18.60
C THR E 81 20.49 13.99 19.59
N ASP E 82 21.75 13.56 19.43
CA ASP E 82 22.40 12.51 20.23
C ASP E 82 21.61 11.20 20.15
N LEU E 83 21.18 10.87 18.95
CA LEU E 83 20.40 9.66 18.69
C LEU E 83 21.31 8.60 18.09
N ARG E 84 21.39 7.45 18.74
CA ARG E 84 22.24 6.37 18.28
C ARG E 84 21.53 5.54 17.22
N PHE E 85 22.32 4.78 16.48
CA PHE E 85 21.82 3.90 15.43
C PHE E 85 22.35 2.49 15.68
N GLN E 86 21.48 1.49 15.51
CA GLN E 86 21.95 0.12 15.56
C GLN E 86 22.82 -0.18 14.36
N SER E 87 23.85 -1.00 14.56
CA SER E 87 24.78 -1.33 13.48
C SER E 87 24.13 -2.16 12.39
N SER E 88 23.08 -2.90 12.70
CA SER E 88 22.28 -3.56 11.67
C SER E 88 21.28 -2.61 11.02
N ALA E 89 20.90 -1.53 11.71
CA ALA E 89 19.90 -0.62 11.16
C ALA E 89 20.46 0.21 10.00
N ILE E 90 21.73 0.60 10.09
CA ILE E 90 22.35 1.37 9.01
C ILE E 90 22.56 0.49 7.79
N GLY E 91 22.94 -0.78 8.01
CA GLY E 91 23.02 -1.71 6.90
C GLY E 91 21.67 -2.04 6.29
N ALA E 92 20.62 -2.07 7.10
CA ALA E 92 19.26 -2.22 6.59
C ALA E 92 18.85 -1.03 5.74
N LEU E 93 19.18 0.19 6.21
CA LEU E 93 18.92 1.39 5.44
C LEU E 93 19.70 1.40 4.13
N GLN E 94 20.93 0.90 4.16
CA GLN E 94 21.75 0.84 2.95
C GLN E 94 21.17 -0.17 1.95
N GLU E 95 20.77 -1.34 2.43
CA GLU E 95 20.21 -2.36 1.55
C GLU E 95 18.80 -2.02 1.07
N SER E 96 18.12 -1.08 1.72
CA SER E 96 16.88 -0.56 1.17
C SER E 96 17.09 0.60 0.20
N VAL E 97 18.03 1.49 0.50
CA VAL E 97 18.29 2.65 -0.35
C VAL E 97 18.93 2.22 -1.67
N GLU E 98 19.89 1.31 -1.61
CA GLU E 98 20.52 0.82 -2.83
C GLU E 98 19.63 -0.15 -3.60
N ALA E 99 18.53 -0.62 -3.00
CA ALA E 99 17.52 -1.34 -3.76
C ALA E 99 16.54 -0.39 -4.44
N TYR E 100 16.13 0.67 -3.74
CA TYR E 100 15.23 1.66 -4.33
C TYR E 100 15.90 2.43 -5.45
N LEU E 101 17.20 2.74 -5.30
CA LEU E 101 17.91 3.45 -6.35
C LEU E 101 18.11 2.58 -7.59
N VAL E 102 18.34 1.28 -7.41
CA VAL E 102 18.49 0.39 -8.56
C VAL E 102 17.15 0.16 -9.24
N SER E 103 16.07 0.05 -8.46
CA SER E 103 14.72 -0.01 -9.04
C SER E 103 14.31 1.28 -9.73
N LEU E 104 14.88 2.42 -9.33
CA LEU E 104 14.66 3.67 -10.04
C LEU E 104 15.51 3.75 -11.31
N PHE E 105 16.75 3.26 -11.24
CA PHE E 105 17.66 3.38 -12.38
C PHE E 105 17.28 2.42 -13.50
N GLU E 106 16.84 1.21 -13.15
CA GLU E 106 16.43 0.24 -14.16
C GLU E 106 15.11 0.61 -14.83
N ASP E 107 14.37 1.58 -14.30
CA ASP E 107 13.20 2.12 -14.94
C ASP E 107 13.47 3.44 -15.66
N THR E 108 14.39 4.26 -15.17
CA THR E 108 14.75 5.45 -15.94
C THR E 108 15.64 5.10 -17.13
N ASN E 109 16.27 3.92 -17.13
CA ASN E 109 16.90 3.43 -18.34
C ASN E 109 15.85 3.06 -19.39
N LEU E 110 14.73 2.50 -18.95
CA LEU E 110 13.60 2.29 -19.86
C LEU E 110 13.01 3.60 -20.33
N ALA E 111 13.00 4.62 -19.45
CA ALA E 111 12.54 5.95 -19.86
C ALA E 111 13.49 6.58 -20.87
N ALA E 112 14.78 6.28 -20.77
CA ALA E 112 15.74 6.80 -21.74
C ALA E 112 15.60 6.10 -23.09
N ILE E 113 15.56 4.76 -23.07
CA ILE E 113 15.45 4.02 -24.33
C ILE E 113 14.06 4.09 -24.94
N HIS E 114 13.06 4.58 -24.19
CA HIS E 114 11.76 4.84 -24.78
C HIS E 114 11.82 6.05 -25.71
N ALA E 115 12.64 7.03 -25.40
CA ALA E 115 12.78 8.24 -26.20
C ALA E 115 13.85 8.12 -27.29
N LYS E 116 14.20 6.88 -27.68
CA LYS E 116 15.18 6.57 -28.73
C LYS E 116 16.54 7.17 -28.43
N ARG E 117 16.97 7.07 -27.18
CA ARG E 117 18.28 7.57 -26.78
C ARG E 117 18.86 6.64 -25.72
N VAL E 118 20.17 6.72 -25.54
CA VAL E 118 20.89 5.86 -24.61
C VAL E 118 21.26 6.61 -23.33
N THR E 119 21.82 7.80 -23.45
CA THR E 119 22.21 8.59 -22.28
C THR E 119 20.98 9.16 -21.59
N ILE E 120 20.88 8.92 -20.28
CA ILE E 120 19.75 9.39 -19.50
C ILE E 120 19.94 10.86 -19.15
N GLN E 121 18.89 11.51 -18.65
CA GLN E 121 18.91 12.94 -18.39
C GLN E 121 18.27 13.18 -17.03
N LYS E 122 18.35 14.43 -16.55
CA LYS E 122 17.64 14.80 -15.33
C LYS E 122 16.14 14.73 -15.52
N LYS E 123 15.66 15.10 -16.72
CA LYS E 123 14.25 15.00 -17.06
C LYS E 123 13.77 13.55 -17.20
N ASP E 124 14.68 12.59 -17.38
CA ASP E 124 14.29 11.19 -17.35
C ASP E 124 13.93 10.75 -15.94
N ILE E 125 14.83 10.99 -14.98
CA ILE E 125 14.62 10.54 -13.60
C ILE E 125 13.55 11.37 -12.91
N LYS E 126 13.37 12.63 -13.33
CA LYS E 126 12.27 13.45 -12.81
C LYS E 126 10.91 12.82 -13.14
N LEU E 127 10.76 12.34 -14.38
CA LEU E 127 9.53 11.65 -14.74
C LEU E 127 9.47 10.26 -14.11
N ALA E 128 10.63 9.61 -13.94
CA ALA E 128 10.65 8.27 -13.37
C ALA E 128 10.25 8.28 -11.90
N ARG E 129 10.53 9.36 -11.18
CA ARG E 129 10.02 9.50 -9.83
C ARG E 129 8.61 10.06 -9.82
N ARG E 130 8.33 11.02 -10.70
CA ARG E 130 7.05 11.71 -10.73
C ARG E 130 5.90 10.85 -11.23
N LEU E 131 6.19 9.77 -11.97
CA LEU E 131 5.14 8.90 -12.47
C LEU E 131 4.61 7.93 -11.41
N ARG E 132 5.42 7.60 -10.40
CA ARG E 132 4.99 6.64 -9.40
C ARG E 132 5.18 7.11 -7.96
N GLY E 133 5.91 8.18 -7.71
CA GLY E 133 6.11 8.65 -6.34
C GLY E 133 5.81 10.12 -6.17
N ILE F 22 27.75 20.87 12.51
CA ILE F 22 28.87 19.94 12.37
C ILE F 22 28.77 19.19 11.06
N LEU F 23 27.81 18.27 10.98
CA LEU F 23 27.62 17.45 9.80
C LEU F 23 26.92 18.29 8.73
N ARG F 24 27.63 18.57 7.65
CA ARG F 24 27.08 19.35 6.54
C ARG F 24 27.72 18.88 5.25
N ASP F 25 26.92 18.91 4.17
CA ASP F 25 27.31 18.46 2.83
C ASP F 25 27.79 17.01 2.81
N ASN F 26 27.18 16.17 3.65
CA ASN F 26 27.50 14.75 3.67
C ASN F 26 26.81 13.98 2.55
N ILE F 27 25.91 14.64 1.81
CA ILE F 27 25.30 14.01 0.64
C ILE F 27 26.26 13.95 -0.53
N GLN F 28 27.36 14.69 -0.48
CA GLN F 28 28.46 14.53 -1.42
C GLN F 28 29.42 13.42 -1.01
N GLY F 29 29.17 12.76 0.14
CA GLY F 29 29.96 11.60 0.49
C GLY F 29 29.72 10.43 -0.44
N ILE F 30 28.46 10.18 -0.78
CA ILE F 30 28.13 9.28 -1.89
C ILE F 30 28.43 10.04 -3.18
N THR F 31 29.43 9.57 -3.92
CA THR F 31 29.96 10.29 -5.07
C THR F 31 29.37 9.76 -6.37
N LYS F 32 29.71 10.45 -7.46
CA LYS F 32 29.27 10.05 -8.79
C LYS F 32 29.80 8.70 -9.30
N PRO F 33 30.98 8.20 -8.91
CA PRO F 33 31.27 6.78 -9.20
C PRO F 33 30.38 5.79 -8.47
N ALA F 34 29.88 6.13 -7.27
CA ALA F 34 28.94 5.24 -6.61
C ALA F 34 27.59 5.23 -7.33
N ILE F 35 27.16 6.38 -7.81
CA ILE F 35 25.95 6.45 -8.63
C ILE F 35 26.18 5.77 -9.97
N ARG F 36 27.41 5.80 -10.49
CA ARG F 36 27.76 5.04 -11.69
C ARG F 36 27.67 3.55 -11.45
N ARG F 37 28.09 3.09 -10.27
CA ARG F 37 27.99 1.68 -9.92
C ARG F 37 26.53 1.25 -9.79
N LEU F 38 25.70 2.09 -9.15
CA LEU F 38 24.28 1.78 -9.03
C LEU F 38 23.58 1.82 -10.39
N ALA F 39 24.05 2.67 -11.29
CA ALA F 39 23.46 2.75 -12.62
C ALA F 39 23.89 1.58 -13.50
N ARG F 40 25.12 1.08 -13.31
CA ARG F 40 25.54 -0.13 -14.00
C ARG F 40 24.82 -1.35 -13.46
N ARG F 41 24.50 -1.36 -12.16
CA ARG F 41 23.64 -2.42 -11.63
C ARG F 41 22.22 -2.30 -12.18
N GLY F 42 21.74 -1.08 -12.39
CA GLY F 42 20.42 -0.90 -12.98
C GLY F 42 20.35 -1.31 -14.44
N GLY F 43 21.47 -1.22 -15.16
CA GLY F 43 21.54 -1.66 -16.53
C GLY F 43 21.61 -0.59 -17.59
N VAL F 44 22.12 0.59 -17.26
CA VAL F 44 22.30 1.66 -18.23
C VAL F 44 23.60 1.44 -18.99
N LYS F 45 23.80 2.18 -20.08
CA LYS F 45 25.08 2.23 -20.76
C LYS F 45 25.79 3.55 -20.52
N ARG F 46 25.12 4.67 -20.75
CA ARG F 46 25.68 6.00 -20.54
C ARG F 46 24.72 6.83 -19.68
N ILE F 47 25.29 7.68 -18.82
CA ILE F 47 24.51 8.60 -18.00
C ILE F 47 25.05 10.00 -18.21
N SER F 48 24.24 10.98 -17.83
CA SER F 48 24.65 12.37 -17.94
C SER F 48 25.46 12.79 -16.72
N GLY F 49 26.10 13.95 -16.82
CA GLY F 49 26.81 14.55 -15.73
C GLY F 49 25.99 15.48 -14.87
N LEU F 50 24.75 15.76 -15.27
CA LEU F 50 23.86 16.62 -14.51
C LEU F 50 22.82 15.84 -13.72
N ILE F 51 22.83 14.51 -13.79
CA ILE F 51 21.86 13.71 -13.05
C ILE F 51 22.27 13.46 -11.61
N TYR F 52 23.50 13.82 -11.23
CA TYR F 52 24.00 13.45 -9.90
C TYR F 52 23.33 14.27 -8.80
N GLU F 53 23.16 15.58 -9.03
CA GLU F 53 22.45 16.41 -8.06
C GLU F 53 20.98 16.05 -7.98
N GLU F 54 20.38 15.64 -9.10
CA GLU F 54 18.98 15.22 -9.08
C GLU F 54 18.80 13.90 -8.33
N VAL F 55 19.73 12.96 -8.52
CA VAL F 55 19.69 11.69 -7.80
C VAL F 55 19.93 11.91 -6.31
N ARG F 56 20.81 12.85 -5.97
CA ARG F 56 21.00 13.23 -4.57
C ARG F 56 19.74 13.88 -3.99
N ALA F 57 19.04 14.68 -4.80
CA ALA F 57 17.81 15.31 -4.32
C ALA F 57 16.67 14.29 -4.16
N VAL F 58 16.67 13.24 -4.96
CA VAL F 58 15.70 12.16 -4.79
C VAL F 58 16.01 11.37 -3.53
N LEU F 59 17.28 11.00 -3.36
CA LEU F 59 17.73 10.23 -2.20
C LEU F 59 17.56 11.01 -0.90
N LYS F 60 17.68 12.34 -0.95
CA LYS F 60 17.51 13.16 0.25
C LYS F 60 16.08 13.10 0.76
N SER F 61 15.10 13.24 -0.14
CA SER F 61 13.70 13.15 0.27
C SER F 61 13.32 11.73 0.69
N PHE F 62 13.89 10.73 -0.01
CA PHE F 62 13.59 9.34 0.33
C PHE F 62 14.12 8.96 1.71
N LEU F 63 15.40 9.24 1.97
CA LEU F 63 15.97 9.01 3.29
C LEU F 63 15.35 9.90 4.35
N GLU F 64 14.87 11.10 3.96
CA GLU F 64 14.19 11.97 4.91
C GLU F 64 12.89 11.34 5.39
N SER F 65 12.08 10.82 4.46
CA SER F 65 10.83 10.17 4.83
C SER F 65 11.06 8.89 5.63
N VAL F 66 12.02 8.06 5.20
CA VAL F 66 12.26 6.79 5.89
C VAL F 66 12.87 7.03 7.28
N ILE F 67 13.83 7.95 7.38
CA ILE F 67 14.46 8.26 8.66
C ILE F 67 13.48 8.95 9.60
N ARG F 68 12.58 9.77 9.06
CA ARG F 68 11.57 10.42 9.90
C ARG F 68 10.58 9.40 10.46
N ASP F 69 10.16 8.43 9.64
CA ASP F 69 9.27 7.38 10.14
C ASP F 69 9.97 6.48 11.16
N SER F 70 11.26 6.18 10.93
CA SER F 70 12.00 5.36 11.88
C SER F 70 12.24 6.09 13.19
N VAL F 71 12.49 7.41 13.12
CA VAL F 71 12.66 8.22 14.32
C VAL F 71 11.35 8.32 15.09
N THR F 72 10.23 8.41 14.39
CA THR F 72 8.92 8.39 15.04
C THR F 72 8.66 7.05 15.73
N TYR F 73 9.03 5.95 15.07
CA TYR F 73 8.86 4.62 15.66
C TYR F 73 9.75 4.44 16.90
N THR F 74 10.97 4.98 16.86
CA THR F 74 11.87 4.83 18.00
C THR F 74 11.47 5.77 19.15
N GLU F 75 11.05 6.98 18.81
CA GLU F 75 10.64 7.97 19.81
C GLU F 75 9.32 7.58 20.46
N HIS F 76 8.53 6.75 19.79
CA HIS F 76 7.33 6.20 20.43
C HIS F 76 7.69 5.27 21.58
N ALA F 77 8.69 4.42 21.38
CA ALA F 77 9.02 3.36 22.33
C ALA F 77 9.91 3.83 23.47
N LYS F 78 10.10 5.15 23.63
CA LYS F 78 10.94 5.77 24.66
C LYS F 78 12.39 5.28 24.60
N ARG F 79 12.86 4.96 23.40
CA ARG F 79 14.23 4.53 23.20
C ARG F 79 15.09 5.73 22.79
N LYS F 80 16.41 5.56 22.83
CA LYS F 80 17.32 6.57 22.30
C LYS F 80 18.28 5.97 21.28
N THR F 81 17.90 4.85 20.66
CA THR F 81 18.69 4.21 19.63
C THR F 81 17.73 3.60 18.61
N VAL F 82 17.85 4.02 17.35
CA VAL F 82 17.00 3.48 16.29
C VAL F 82 17.46 2.07 15.97
N THR F 83 16.57 1.10 16.15
CA THR F 83 16.90 -0.30 15.93
C THR F 83 16.63 -0.68 14.48
N SER F 84 17.15 -1.86 14.10
CA SER F 84 16.84 -2.41 12.79
C SER F 84 15.39 -2.84 12.69
N LEU F 85 14.80 -3.25 13.82
CA LEU F 85 13.39 -3.61 13.83
C LEU F 85 12.51 -2.39 13.63
N ASP F 86 12.91 -1.25 14.19
CA ASP F 86 12.15 -0.02 14.02
C ASP F 86 12.24 0.49 12.59
N VAL F 87 13.41 0.43 11.99
CA VAL F 87 13.53 0.91 10.61
C VAL F 87 12.91 -0.08 9.63
N VAL F 88 12.85 -1.37 9.96
CA VAL F 88 12.16 -2.29 9.06
C VAL F 88 10.65 -2.17 9.23
N TYR F 89 10.16 -1.75 10.41
CA TYR F 89 8.76 -1.42 10.55
C TYR F 89 8.41 -0.16 9.78
N ALA F 90 9.30 0.84 9.81
CA ALA F 90 9.08 2.07 9.06
C ALA F 90 9.13 1.84 7.56
N LEU F 91 9.96 0.90 7.10
CA LEU F 91 9.98 0.56 5.69
C LEU F 91 8.78 -0.32 5.30
N LYS F 92 8.28 -1.12 6.24
CA LYS F 92 7.09 -1.91 5.99
C LYS F 92 5.85 -1.01 5.87
N ARG F 93 5.79 0.05 6.68
CA ARG F 93 4.64 0.94 6.64
C ARG F 93 4.63 1.80 5.37
N GLN F 94 5.78 2.02 4.76
CA GLN F 94 5.87 2.83 3.55
C GLN F 94 5.74 2.01 2.26
N GLY F 95 5.34 0.73 2.37
CA GLY F 95 5.20 -0.09 1.19
C GLY F 95 6.51 -0.52 0.56
N ARG F 96 7.57 -0.63 1.36
CA ARG F 96 8.89 -1.04 0.89
C ARG F 96 9.47 -2.07 1.86
N THR F 97 8.68 -3.12 2.12
CA THR F 97 8.97 -4.14 3.13
C THR F 97 10.30 -4.84 2.92
N LEU F 98 11.23 -4.60 3.83
CA LEU F 98 12.56 -5.19 3.80
C LEU F 98 12.57 -6.49 4.57
N TYR F 99 13.42 -7.41 4.15
CA TYR F 99 13.53 -8.73 4.76
C TYR F 99 14.90 -8.91 5.41
N GLY F 100 15.02 -9.94 6.24
CA GLY F 100 16.29 -10.29 6.83
C GLY F 100 16.62 -9.59 8.12
N PHE F 101 15.69 -8.85 8.71
CA PHE F 101 15.96 -8.15 9.96
C PHE F 101 14.88 -8.30 11.00
N GLY F 102 13.71 -8.85 10.66
CA GLY F 102 12.65 -9.04 11.63
C GLY F 102 11.27 -8.98 11.00
N GLN G 17 -23.58 16.33 31.39
CA GLN G 17 -23.13 16.49 30.01
C GLN G 17 -22.26 15.31 29.58
N SER G 18 -22.07 15.17 28.27
CA SER G 18 -21.27 14.08 27.73
C SER G 18 -19.77 14.41 27.82
N ARG G 19 -18.95 13.46 27.40
CA ARG G 19 -17.50 13.69 27.40
C ARG G 19 -17.08 14.65 26.29
N SER G 20 -17.85 14.73 25.22
CA SER G 20 -17.55 15.67 24.14
C SER G 20 -17.79 17.10 24.59
N ALA G 21 -18.82 17.33 25.40
CA ALA G 21 -19.06 18.67 25.95
C ALA G 21 -18.02 19.03 27.00
N LYS G 22 -17.53 18.05 27.75
CA LYS G 22 -16.47 18.32 28.71
C LYS G 22 -15.13 18.55 28.02
N ALA G 23 -14.94 17.97 26.83
CA ALA G 23 -13.71 18.18 26.08
C ALA G 23 -13.73 19.51 25.34
N GLY G 24 -14.91 20.01 24.99
CA GLY G 24 -15.01 21.18 24.15
C GLY G 24 -15.07 20.88 22.67
N LEU G 25 -15.47 19.66 22.31
CA LEU G 25 -15.54 19.24 20.92
C LEU G 25 -16.98 18.90 20.56
N THR G 26 -17.23 18.80 19.25
CA THR G 26 -18.56 18.50 18.75
C THR G 26 -18.67 17.10 18.17
N PHE G 27 -17.66 16.27 18.34
CA PHE G 27 -17.65 14.95 17.73
C PHE G 27 -17.79 13.87 18.81
N PRO G 28 -18.46 12.72 18.50
CA PRO G 28 -18.82 11.77 19.55
C PRO G 28 -17.65 10.97 20.13
N VAL G 29 -17.41 11.14 21.42
CA VAL G 29 -16.35 10.40 22.09
C VAL G 29 -16.77 8.95 22.31
N GLY G 30 -18.01 8.73 22.74
CA GLY G 30 -18.47 7.39 23.07
C GLY G 30 -18.62 6.48 21.88
N ARG G 31 -18.99 7.03 20.71
CA ARG G 31 -19.07 6.22 19.50
C ARG G 31 -17.69 5.77 19.04
N VAL G 32 -16.70 6.65 19.14
CA VAL G 32 -15.33 6.30 18.79
C VAL G 32 -14.76 5.29 19.78
N HIS G 33 -15.10 5.44 21.07
CA HIS G 33 -14.67 4.47 22.08
C HIS G 33 -15.31 3.10 21.86
N ARG G 34 -16.59 3.08 21.47
CA ARG G 34 -17.26 1.81 21.19
C ARG G 34 -16.69 1.15 19.95
N LEU G 35 -16.39 1.93 18.90
CA LEU G 35 -15.79 1.37 17.70
C LEU G 35 -14.35 0.90 17.95
N LEU G 36 -13.63 1.56 18.86
CA LEU G 36 -12.30 1.10 19.23
C LEU G 36 -12.36 -0.19 20.03
N ARG G 37 -13.35 -0.32 20.91
CA ARG G 37 -13.50 -1.55 21.68
C ARG G 37 -14.01 -2.71 20.83
N ARG G 38 -14.81 -2.43 19.80
CA ARG G 38 -15.37 -3.48 18.97
C ARG G 38 -14.58 -3.70 17.67
N GLY G 39 -13.51 -2.94 17.46
CA GLY G 39 -12.69 -3.11 16.28
C GLY G 39 -11.52 -4.05 16.43
N ASN G 40 -11.33 -4.64 17.62
CA ASN G 40 -10.25 -5.59 17.93
C ASN G 40 -8.87 -5.01 17.67
N TYR G 41 -8.66 -3.78 18.13
CA TYR G 41 -7.35 -3.14 18.01
C TYR G 41 -6.43 -3.44 19.18
N ALA G 42 -6.98 -3.53 20.39
CA ALA G 42 -6.22 -3.94 21.56
C ALA G 42 -7.19 -4.52 22.58
N GLN G 43 -6.64 -5.19 23.59
CA GLN G 43 -7.45 -5.69 24.69
C GLN G 43 -7.89 -4.54 25.59
N ARG G 44 -6.98 -3.60 25.85
CA ARG G 44 -7.24 -2.46 26.71
C ARG G 44 -7.14 -1.17 25.90
N ILE G 45 -7.84 -0.14 26.37
CA ILE G 45 -7.92 1.15 25.69
C ILE G 45 -7.86 2.24 26.74
N GLY G 46 -6.91 3.17 26.59
CA GLY G 46 -6.73 4.24 27.56
C GLY G 46 -7.85 5.27 27.52
N SER G 47 -7.76 6.21 28.45
CA SER G 47 -8.79 7.23 28.59
C SER G 47 -8.58 8.37 27.60
N GLY G 48 -7.34 8.84 27.44
CA GLY G 48 -7.06 9.95 26.55
C GLY G 48 -7.08 9.58 25.07
N ALA G 49 -7.05 8.29 24.75
CA ALA G 49 -6.98 7.89 23.35
C ALA G 49 -8.25 8.17 22.55
N PRO G 50 -9.48 7.89 23.03
CA PRO G 50 -10.66 8.25 22.21
C PRO G 50 -10.88 9.75 22.08
N VAL G 51 -10.62 10.54 23.12
CA VAL G 51 -10.79 11.99 22.99
C VAL G 51 -9.70 12.57 22.10
N TYR G 52 -8.48 12.01 22.11
CA TYR G 52 -7.46 12.44 21.17
C TYR G 52 -7.83 12.10 19.74
N LEU G 53 -8.42 10.92 19.53
CA LEU G 53 -8.79 10.51 18.18
C LEU G 53 -9.96 11.34 17.64
N THR G 54 -10.93 11.65 18.49
CA THR G 54 -12.03 12.53 18.08
C THR G 54 -11.54 13.94 17.80
N ALA G 55 -10.57 14.43 18.57
CA ALA G 55 -10.00 15.75 18.31
C ALA G 55 -9.25 15.79 16.98
N VAL G 56 -8.50 14.73 16.68
CA VAL G 56 -7.74 14.67 15.43
C VAL G 56 -8.68 14.63 14.22
N LEU G 57 -9.64 13.70 14.23
CA LEU G 57 -10.50 13.60 13.06
C LEU G 57 -11.52 14.74 13.00
N GLU G 58 -11.80 15.40 14.12
CA GLU G 58 -12.60 16.62 14.09
C GLU G 58 -11.84 17.77 13.44
N TYR G 59 -10.55 17.90 13.75
CA TYR G 59 -9.73 18.90 13.08
C TYR G 59 -9.60 18.62 11.60
N LEU G 60 -9.46 17.33 11.23
CA LEU G 60 -9.34 16.96 9.83
C LEU G 60 -10.63 17.24 9.06
N ALA G 61 -11.78 16.90 9.65
CA ALA G 61 -13.06 17.20 9.04
C ALA G 61 -13.31 18.70 8.95
N ALA G 62 -12.89 19.46 9.96
CA ALA G 62 -13.06 20.91 9.93
C ALA G 62 -12.19 21.55 8.85
N GLU G 63 -10.96 21.06 8.68
CA GLU G 63 -10.08 21.63 7.67
C GLU G 63 -10.55 21.29 6.26
N ILE G 64 -10.98 20.05 6.03
CA ILE G 64 -11.47 19.70 4.71
C ILE G 64 -12.82 20.39 4.43
N LEU G 65 -13.60 20.68 5.47
CA LEU G 65 -14.86 21.37 5.27
C LEU G 65 -14.66 22.84 4.98
N GLU G 66 -13.69 23.48 5.64
CA GLU G 66 -13.44 24.90 5.35
C GLU G 66 -12.75 25.08 4.00
N LEU G 67 -11.92 24.11 3.58
CA LEU G 67 -11.35 24.20 2.24
C LEU G 67 -12.40 23.94 1.16
N ALA G 68 -13.34 23.02 1.44
CA ALA G 68 -14.46 22.84 0.52
C ALA G 68 -15.37 24.06 0.48
N GLY G 69 -15.53 24.74 1.61
CA GLY G 69 -16.30 25.98 1.61
C GLY G 69 -15.60 27.10 0.87
N ASN G 70 -14.27 27.14 0.92
CA ASN G 70 -13.51 28.10 0.12
C ASN G 70 -13.63 27.79 -1.36
N ALA G 71 -13.62 26.51 -1.72
CA ALA G 71 -13.79 26.13 -3.12
C ALA G 71 -15.21 26.42 -3.60
N ALA G 72 -16.20 26.34 -2.71
CA ALA G 72 -17.57 26.68 -3.08
C ALA G 72 -17.75 28.19 -3.20
N ARG G 73 -17.10 28.95 -2.33
CA ARG G 73 -17.21 30.41 -2.40
C ARG G 73 -16.41 30.98 -3.55
N ASP G 74 -15.41 30.25 -4.04
CA ASP G 74 -14.71 30.63 -5.27
C ASP G 74 -15.48 30.24 -6.52
N ASN G 75 -16.60 29.53 -6.37
CA ASN G 75 -17.48 29.19 -7.50
C ASN G 75 -18.84 29.84 -7.37
N LYS G 76 -19.04 30.71 -6.36
CA LYS G 76 -20.31 31.38 -6.06
C LYS G 76 -21.44 30.37 -5.82
N LYS G 77 -21.12 29.28 -5.14
CA LYS G 77 -22.09 28.26 -4.77
C LYS G 77 -22.05 28.05 -3.26
N THR G 78 -23.15 27.51 -2.73
CA THR G 78 -23.29 27.26 -1.30
C THR G 78 -23.29 25.77 -0.97
N ARG G 79 -24.06 24.98 -1.70
CA ARG G 79 -24.10 23.52 -1.47
C ARG G 79 -22.80 22.91 -1.98
N ILE G 80 -22.08 22.24 -1.10
CA ILE G 80 -20.78 21.66 -1.44
C ILE G 80 -21.01 20.41 -2.29
N ILE G 81 -20.69 20.50 -3.57
CA ILE G 81 -20.77 19.37 -4.49
C ILE G 81 -19.49 18.56 -4.32
N PRO G 82 -19.44 17.29 -4.76
CA PRO G 82 -18.18 16.54 -4.65
C PRO G 82 -17.05 17.09 -5.52
N ARG G 83 -17.37 17.82 -6.58
CA ARG G 83 -16.34 18.51 -7.37
C ARG G 83 -15.63 19.57 -6.53
N HIS G 84 -16.36 20.25 -5.64
CA HIS G 84 -15.73 21.20 -4.74
C HIS G 84 -14.80 20.50 -3.76
N LEU G 85 -15.17 19.30 -3.30
CA LEU G 85 -14.31 18.55 -2.40
C LEU G 85 -13.06 18.05 -3.12
N GLN G 86 -13.20 17.64 -4.38
CA GLN G 86 -12.04 17.23 -5.17
C GLN G 86 -11.09 18.42 -5.42
N LEU G 87 -11.65 19.57 -5.80
CA LEU G 87 -10.82 20.74 -6.05
C LEU G 87 -10.27 21.36 -4.77
N ALA G 88 -10.84 21.04 -3.61
CA ALA G 88 -10.26 21.45 -2.35
C ALA G 88 -9.19 20.50 -1.86
N ILE G 89 -9.33 19.20 -2.12
CA ILE G 89 -8.31 18.24 -1.71
C ILE G 89 -7.07 18.37 -2.57
N ARG G 90 -7.25 18.40 -3.89
CA ARG G 90 -6.08 18.39 -4.78
C ARG G 90 -5.34 19.70 -4.83
N ASN G 91 -5.97 20.82 -4.48
CA ASN G 91 -5.26 22.09 -4.47
C ASN G 91 -4.33 22.22 -3.27
N ASP G 92 -4.70 21.62 -2.15
CA ASP G 92 -3.83 21.61 -0.98
C ASP G 92 -2.72 20.59 -1.16
N ASP G 93 -1.52 20.95 -0.73
CA ASP G 93 -0.36 20.08 -0.91
C ASP G 93 -0.37 18.92 0.08
N GLU G 94 -0.56 19.22 1.36
CA GLU G 94 -0.42 18.18 2.38
C GLU G 94 -1.64 17.26 2.42
N LEU G 95 -2.82 17.74 2.02
CA LEU G 95 -3.97 16.85 1.89
C LEU G 95 -3.81 15.91 0.71
N ASN G 96 -3.19 16.38 -0.37
CA ASN G 96 -2.96 15.49 -1.51
C ASN G 96 -1.82 14.52 -1.23
N LYS G 97 -0.83 14.92 -0.42
CA LYS G 97 0.17 13.97 0.03
C LYS G 97 -0.42 12.97 1.02
N LEU G 98 -1.43 13.38 1.77
CA LEU G 98 -2.13 12.46 2.66
C LEU G 98 -3.03 11.53 1.86
N LEU G 99 -3.89 12.10 1.03
CA LEU G 99 -4.81 11.32 0.19
C LEU G 99 -4.20 11.08 -1.20
N GLY G 100 -3.03 10.44 -1.22
CA GLY G 100 -2.39 10.17 -2.50
C GLY G 100 -3.01 9.04 -3.27
N ASN G 101 -3.48 8.00 -2.56
CA ASN G 101 -4.09 6.83 -3.18
C ASN G 101 -5.61 6.83 -3.04
N VAL G 102 -6.23 8.00 -3.17
CA VAL G 102 -7.67 8.14 -2.97
C VAL G 102 -8.35 8.26 -4.32
N THR G 103 -9.64 7.94 -4.34
CA THR G 103 -10.49 8.13 -5.50
C THR G 103 -11.82 8.68 -5.02
N ILE G 104 -12.19 9.87 -5.48
CA ILE G 104 -13.37 10.59 -4.99
C ILE G 104 -14.49 10.41 -6.00
N ALA G 105 -15.67 10.04 -5.51
CA ALA G 105 -16.83 9.89 -6.38
C ALA G 105 -17.30 11.24 -6.89
N GLN G 106 -17.47 11.32 -8.22
CA GLN G 106 -17.88 12.53 -8.94
C GLN G 106 -16.92 13.69 -8.67
N GLY G 107 -15.66 13.49 -9.05
CA GLY G 107 -14.65 14.49 -8.82
C GLY G 107 -13.98 15.00 -10.08
N GLY G 108 -14.00 14.19 -11.14
CA GLY G 108 -13.41 14.59 -12.41
C GLY G 108 -11.90 14.57 -12.42
N VAL G 109 -11.29 15.73 -12.62
CA VAL G 109 -9.84 15.83 -12.72
C VAL G 109 -9.45 17.26 -12.37
N LEU G 110 -8.18 17.48 -12.05
CA LEU G 110 -7.68 18.82 -11.83
C LEU G 110 -7.66 19.61 -13.14
N PRO G 111 -7.94 20.92 -13.08
CA PRO G 111 -7.67 21.77 -14.25
C PRO G 111 -6.17 21.97 -14.39
N ASN G 112 -5.56 21.30 -15.36
CA ASN G 112 -4.11 21.26 -15.46
C ASN G 112 -3.71 21.03 -16.90
N ILE G 113 -2.66 21.74 -17.34
CA ILE G 113 -2.10 21.59 -18.67
C ILE G 113 -0.59 21.75 -18.57
N HIS G 114 0.10 21.24 -19.59
CA HIS G 114 1.56 21.34 -19.65
C HIS G 114 1.96 22.41 -20.65
N GLN G 115 3.13 23.01 -20.42
CA GLN G 115 3.59 24.11 -21.26
C GLN G 115 4.10 23.63 -22.61
N ASN G 116 4.37 22.34 -22.77
CA ASN G 116 4.86 21.79 -24.03
C ASN G 116 3.74 21.30 -24.93
N LEU G 117 2.51 21.82 -24.74
CA LEU G 117 1.37 21.47 -25.58
C LEU G 117 0.83 22.67 -26.35
N LEU G 118 0.63 23.79 -25.68
CA LEU G 118 0.09 24.99 -26.33
C LEU G 118 1.14 25.66 -27.22
N VAL H 36 -32.13 1.67 9.81
CA VAL H 36 -32.14 1.57 11.26
C VAL H 36 -30.77 1.13 11.76
N ARG H 37 -30.26 1.86 12.76
CA ARG H 37 -28.98 1.61 13.43
C ARG H 37 -27.82 1.63 12.42
N LYS H 38 -27.61 2.81 11.85
CA LYS H 38 -26.47 3.09 10.99
C LYS H 38 -25.71 4.25 11.62
N GLU H 39 -24.62 3.95 12.31
CA GLU H 39 -23.85 4.95 13.04
C GLU H 39 -22.94 5.68 12.06
N THR H 40 -23.47 6.71 11.43
CA THR H 40 -22.71 7.52 10.49
C THR H 40 -22.18 8.77 11.20
N TYR H 41 -21.63 9.69 10.43
CA TYR H 41 -21.07 10.94 10.95
C TYR H 41 -21.72 12.14 10.27
N SER H 42 -23.05 12.11 10.12
CA SER H 42 -23.73 13.14 9.36
C SER H 42 -23.90 14.42 10.18
N SER H 43 -24.52 14.30 11.36
CA SER H 43 -24.90 15.47 12.13
C SER H 43 -23.70 16.20 12.72
N TYR H 44 -22.66 15.46 13.10
CA TYR H 44 -21.47 16.10 13.67
C TYR H 44 -20.69 16.86 12.61
N ILE H 45 -20.56 16.29 11.42
CA ILE H 45 -19.91 16.99 10.31
C ILE H 45 -20.72 18.21 9.89
N TYR H 46 -22.05 18.07 9.91
CA TYR H 46 -22.91 19.20 9.57
C TYR H 46 -22.84 20.30 10.64
N LYS H 47 -22.64 19.92 11.89
CA LYS H 47 -22.51 20.92 12.96
C LYS H 47 -21.16 21.62 12.91
N VAL H 48 -20.09 20.87 12.62
CA VAL H 48 -18.76 21.47 12.56
C VAL H 48 -18.55 22.24 11.26
N LEU H 49 -19.41 22.03 10.26
CA LEU H 49 -19.39 22.90 9.09
C LEU H 49 -20.00 24.26 9.41
N LYS H 50 -21.15 24.26 10.09
CA LYS H 50 -21.93 25.47 10.29
C LYS H 50 -21.35 26.41 11.36
N GLN H 51 -20.32 25.99 12.11
CA GLN H 51 -19.76 26.85 13.13
C GLN H 51 -18.74 27.84 12.58
N THR H 52 -18.33 27.69 11.31
CA THR H 52 -17.46 28.65 10.66
C THR H 52 -18.08 29.28 9.42
N HIS H 53 -18.74 28.48 8.58
CA HIS H 53 -19.41 28.96 7.37
C HIS H 53 -20.88 28.53 7.44
N PRO H 54 -21.72 29.30 8.13
CA PRO H 54 -23.12 28.88 8.33
C PRO H 54 -23.99 29.04 7.09
N ASP H 55 -23.55 29.78 6.08
CA ASP H 55 -24.34 30.01 4.89
C ASP H 55 -24.01 29.06 3.75
N THR H 56 -23.26 27.99 4.02
CA THR H 56 -22.86 27.04 3.01
C THR H 56 -23.53 25.69 3.28
N GLY H 57 -24.29 25.21 2.31
CA GLY H 57 -24.91 23.91 2.41
C GLY H 57 -23.95 22.79 2.05
N ILE H 58 -24.47 21.57 2.10
CA ILE H 58 -23.67 20.38 1.81
C ILE H 58 -24.59 19.30 1.24
N SER H 59 -24.17 18.69 0.14
CA SER H 59 -24.96 17.63 -0.47
C SER H 59 -24.84 16.33 0.33
N GLN H 60 -25.79 15.42 0.06
CA GLN H 60 -25.76 14.13 0.75
C GLN H 60 -24.64 13.24 0.22
N LYS H 61 -24.29 13.38 -1.06
CA LYS H 61 -23.17 12.63 -1.61
C LYS H 61 -21.85 13.09 -1.02
N SER H 62 -21.68 14.41 -0.87
CA SER H 62 -20.49 14.92 -0.20
C SER H 62 -20.50 14.59 1.29
N MET H 63 -21.69 14.46 1.89
CA MET H 63 -21.79 14.02 3.28
C MET H 63 -21.32 12.58 3.43
N SER H 64 -21.71 11.71 2.51
CA SER H 64 -21.22 10.32 2.53
C SER H 64 -19.74 10.25 2.20
N ILE H 65 -19.25 11.16 1.35
CA ILE H 65 -17.82 11.25 1.06
C ILE H 65 -17.03 11.60 2.32
N LEU H 66 -17.50 12.59 3.06
CA LEU H 66 -16.82 12.98 4.30
C LEU H 66 -16.98 11.93 5.38
N ASN H 67 -18.09 11.19 5.38
CA ASN H 67 -18.27 10.10 6.34
C ASN H 67 -17.27 8.98 6.08
N SER H 68 -17.14 8.56 4.81
CA SER H 68 -16.13 7.56 4.46
C SER H 68 -14.71 8.09 4.64
N PHE H 69 -14.53 9.41 4.51
CA PHE H 69 -13.24 10.04 4.71
C PHE H 69 -12.79 9.94 6.17
N VAL H 70 -13.66 10.33 7.10
CA VAL H 70 -13.31 10.24 8.52
C VAL H 70 -13.30 8.78 8.98
N ASN H 71 -14.07 7.90 8.33
CA ASN H 71 -14.02 6.49 8.68
C ASN H 71 -12.71 5.85 8.22
N ASP H 72 -12.21 6.24 7.05
CA ASP H 72 -10.93 5.72 6.58
C ASP H 72 -9.77 6.24 7.40
N ILE H 73 -9.84 7.52 7.83
CA ILE H 73 -8.79 8.04 8.70
C ILE H 73 -8.85 7.39 10.08
N PHE H 74 -10.05 7.12 10.60
CA PHE H 74 -10.19 6.42 11.86
C PHE H 74 -9.66 5.00 11.77
N GLU H 75 -9.92 4.31 10.66
CA GLU H 75 -9.42 2.95 10.46
C GLU H 75 -7.90 2.94 10.32
N ARG H 76 -7.33 3.94 9.63
CA ARG H 76 -5.89 4.04 9.47
C ARG H 76 -5.20 4.29 10.80
N ILE H 77 -5.70 5.25 11.59
CA ILE H 77 -5.08 5.57 12.87
C ILE H 77 -5.27 4.42 13.87
N ALA H 78 -6.42 3.73 13.81
CA ALA H 78 -6.66 2.62 14.73
C ALA H 78 -5.79 1.42 14.39
N THR H 79 -5.60 1.11 13.10
CA THR H 79 -4.72 0.01 12.73
C THR H 79 -3.26 0.35 13.00
N GLU H 80 -2.86 1.62 12.82
CA GLU H 80 -1.51 2.03 13.13
C GLU H 80 -1.24 1.97 14.63
N ALA H 81 -2.21 2.38 15.44
CA ALA H 81 -2.06 2.29 16.89
C ALA H 81 -2.08 0.85 17.37
N SER H 82 -2.86 -0.02 16.71
CA SER H 82 -2.88 -1.44 17.06
C SER H 82 -1.54 -2.10 16.77
N LYS H 83 -0.99 -1.86 15.57
CA LYS H 83 0.32 -2.40 15.24
C LYS H 83 1.42 -1.78 16.10
N LEU H 84 1.30 -0.50 16.45
CA LEU H 84 2.30 0.18 17.24
C LEU H 84 2.28 -0.24 18.70
N ALA H 85 1.10 -0.64 19.21
CA ALA H 85 1.04 -1.22 20.54
C ALA H 85 1.47 -2.68 20.53
N ALA H 86 1.29 -3.37 19.40
CA ALA H 86 1.81 -4.73 19.29
C ALA H 86 3.33 -4.74 19.15
N TYR H 87 3.91 -3.67 18.63
CA TYR H 87 5.36 -3.60 18.43
C TYR H 87 6.14 -3.37 19.72
N ASN H 88 5.47 -2.93 20.80
CA ASN H 88 6.13 -2.69 22.07
C ASN H 88 5.73 -3.70 23.14
N LYS H 89 5.09 -4.80 22.74
CA LYS H 89 4.52 -5.84 23.61
C LYS H 89 3.55 -5.26 24.64
N LYS H 90 2.82 -4.20 24.27
CA LYS H 90 1.87 -3.58 25.16
C LYS H 90 0.46 -4.12 24.88
N SER H 91 -0.44 -3.89 25.84
CA SER H 91 -1.81 -4.35 25.73
C SER H 91 -2.82 -3.21 25.68
N THR H 92 -2.39 -1.97 25.87
CA THR H 92 -3.31 -0.84 25.90
C THR H 92 -2.92 0.17 24.84
N ILE H 93 -3.87 1.04 24.51
CA ILE H 93 -3.65 2.16 23.59
C ILE H 93 -3.94 3.43 24.37
N SER H 94 -2.90 4.15 24.74
CA SER H 94 -3.06 5.43 25.43
C SER H 94 -3.15 6.55 24.39
N ALA H 95 -3.16 7.80 24.87
CA ALA H 95 -3.18 8.94 23.95
C ALA H 95 -1.85 9.10 23.25
N ARG H 96 -0.75 8.65 23.88
CA ARG H 96 0.56 8.73 23.25
C ARG H 96 0.67 7.79 22.06
N GLU H 97 -0.02 6.64 22.11
CA GLU H 97 -0.02 5.71 20.99
C GLU H 97 -0.70 6.30 19.76
N ILE H 98 -1.88 6.90 19.95
CA ILE H 98 -2.59 7.51 18.84
C ILE H 98 -1.87 8.77 18.37
N GLN H 99 -1.22 9.50 19.27
CA GLN H 99 -0.45 10.69 18.88
C GLN H 99 0.77 10.31 18.04
N THR H 100 1.46 9.22 18.41
CA THR H 100 2.59 8.77 17.61
C THR H 100 2.14 8.18 16.28
N ALA H 101 1.00 7.49 16.27
CA ALA H 101 0.46 6.94 15.01
C ALA H 101 -0.01 8.05 14.07
N VAL H 102 -0.55 9.13 14.61
CA VAL H 102 -1.02 10.22 13.75
C VAL H 102 0.13 11.15 13.35
N ARG H 103 1.24 11.16 14.10
CA ARG H 103 2.44 11.80 13.58
C ARG H 103 3.10 10.92 12.52
N LEU H 104 2.87 9.61 12.58
CA LEU H 104 3.33 8.71 11.52
C LEU H 104 2.54 8.89 10.24
N ILE H 105 1.21 8.98 10.34
CA ILE H 105 0.36 8.91 9.15
C ILE H 105 0.31 10.24 8.41
N LEU H 106 -0.03 11.33 9.10
CA LEU H 106 -0.27 12.59 8.40
C LEU H 106 1.05 13.26 8.06
N PRO H 107 1.21 13.82 6.85
CA PRO H 107 2.50 14.40 6.46
C PRO H 107 2.64 15.88 6.76
N GLY H 108 3.77 16.26 7.36
CA GLY H 108 4.17 17.65 7.44
C GLY H 108 3.52 18.50 8.51
N GLU H 109 3.15 19.73 8.12
CA GLU H 109 2.63 20.71 9.08
C GLU H 109 1.22 20.36 9.53
N LEU H 110 0.48 19.60 8.70
CA LEU H 110 -0.89 19.23 9.06
C LEU H 110 -0.90 18.30 10.26
N ALA H 111 0.10 17.42 10.37
CA ALA H 111 0.23 16.56 11.55
C ALA H 111 0.59 17.37 12.79
N LYS H 112 1.40 18.42 12.63
CA LYS H 112 1.76 19.27 13.75
C LYS H 112 0.56 20.05 14.26
N HIS H 113 -0.25 20.59 13.34
CA HIS H 113 -1.48 21.27 13.74
C HIS H 113 -2.50 20.29 14.32
N ALA H 114 -2.51 19.04 13.83
CA ALA H 114 -3.43 18.04 14.36
C ALA H 114 -3.07 17.65 15.79
N VAL H 115 -1.77 17.46 16.07
CA VAL H 115 -1.40 17.10 17.44
C VAL H 115 -1.51 18.32 18.36
N SER H 116 -1.34 19.53 17.82
CA SER H 116 -1.56 20.73 18.63
C SER H 116 -3.03 20.93 18.97
N GLU H 117 -3.92 20.49 18.08
CA GLU H 117 -5.35 20.51 18.41
C GLU H 117 -5.70 19.41 19.40
N GLY H 118 -5.14 18.21 19.20
CA GLY H 118 -5.51 17.07 20.03
C GLY H 118 -5.01 17.18 21.47
N THR H 119 -3.78 17.67 21.65
CA THR H 119 -3.24 17.85 23.00
C THR H 119 -3.99 18.95 23.75
N ARG H 120 -4.37 20.02 23.04
CA ARG H 120 -5.18 21.08 23.65
C ARG H 120 -6.54 20.55 24.06
N ALA H 121 -7.15 19.70 23.22
CA ALA H 121 -8.46 19.14 23.55
C ALA H 121 -8.39 18.17 24.71
N VAL H 122 -7.34 17.35 24.79
CA VAL H 122 -7.28 16.40 25.91
C VAL H 122 -6.85 17.09 27.21
N THR H 123 -6.12 18.21 27.12
CA THR H 123 -5.83 18.96 28.34
C THR H 123 -7.05 19.75 28.80
N LYS H 124 -7.92 20.16 27.88
CA LYS H 124 -9.18 20.76 28.29
C LYS H 124 -10.21 19.71 28.73
N TYR H 125 -10.03 18.44 28.34
CA TYR H 125 -10.94 17.37 28.73
C TYR H 125 -10.59 16.78 30.09
N SER H 126 -9.35 16.30 30.24
CA SER H 126 -8.99 15.55 31.44
C SER H 126 -8.87 16.44 32.66
N SER H 127 -8.42 17.68 32.48
CA SER H 127 -8.36 18.62 33.60
C SER H 127 -9.74 19.21 33.88
N SER H 128 -10.57 18.47 34.59
CA SER H 128 -11.93 18.91 34.89
C SER H 128 -12.35 18.47 36.28
N ALA K 2 -18.98 -30.61 -5.94
CA ALA K 2 -19.78 -30.79 -4.74
C ALA K 2 -19.91 -29.51 -3.92
N LYS K 3 -20.97 -29.44 -3.10
CA LYS K 3 -21.25 -28.24 -2.34
C LYS K 3 -20.37 -28.15 -1.09
N THR K 4 -20.46 -29.13 -0.20
CA THR K 4 -19.73 -29.12 1.06
C THR K 4 -19.11 -30.49 1.29
N LEU K 5 -18.53 -30.66 2.47
CA LEU K 5 -17.89 -31.92 2.83
C LEU K 5 -18.90 -33.03 3.11
N LYS K 6 -20.17 -32.69 3.37
CA LYS K 6 -21.20 -33.72 3.51
C LYS K 6 -21.53 -34.36 2.17
N ASP K 7 -21.38 -33.62 1.08
CA ASP K 7 -21.59 -34.14 -0.26
C ASP K 7 -20.29 -34.54 -0.95
N LEU K 8 -19.13 -34.24 -0.35
CA LEU K 8 -17.84 -34.60 -0.91
C LEU K 8 -17.34 -35.94 -0.41
N GLN K 9 -18.22 -36.78 0.14
CA GLN K 9 -17.86 -38.10 0.62
C GLN K 9 -18.02 -39.18 -0.44
N GLY K 10 -18.15 -38.80 -1.70
CA GLY K 10 -18.29 -39.76 -2.77
C GLY K 10 -17.25 -39.58 -3.87
N TRP K 11 -16.23 -38.78 -3.60
CA TRP K 11 -15.18 -38.52 -4.57
C TRP K 11 -13.86 -38.34 -3.84
N GLU K 12 -12.77 -38.53 -4.57
CA GLU K 12 -11.42 -38.35 -4.05
C GLU K 12 -10.61 -37.54 -5.04
N ILE K 13 -9.51 -36.98 -4.56
CA ILE K 13 -8.66 -36.10 -5.37
C ILE K 13 -7.63 -36.96 -6.10
N ILE K 14 -7.79 -37.06 -7.43
CA ILE K 14 -6.83 -37.75 -8.28
C ILE K 14 -6.04 -36.68 -9.02
N THR K 15 -4.75 -36.57 -8.68
CA THR K 15 -3.89 -35.48 -9.16
C THR K 15 -2.88 -36.07 -10.13
N THR K 16 -3.22 -36.09 -11.42
CA THR K 16 -2.32 -36.58 -12.45
C THR K 16 -1.35 -35.47 -12.84
N ASP K 17 -0.05 -35.76 -12.77
CA ASP K 17 0.96 -34.75 -13.01
C ASP K 17 1.13 -34.47 -14.50
N GLU K 18 1.58 -35.48 -15.24
CA GLU K 18 1.68 -35.41 -16.69
C GLU K 18 0.38 -35.94 -17.29
N GLN K 19 0.40 -36.23 -18.59
CA GLN K 19 -0.75 -36.84 -19.24
C GLN K 19 -1.01 -38.27 -18.75
N GLY K 20 0.00 -38.94 -18.21
CA GLY K 20 -0.23 -40.23 -17.58
C GLY K 20 -0.97 -40.09 -16.26
N ASN K 21 -1.50 -41.22 -15.78
CA ASN K 21 -2.35 -41.22 -14.59
C ASN K 21 -1.51 -41.66 -13.38
N ILE K 22 -1.13 -40.69 -12.57
CA ILE K 22 -0.41 -40.92 -11.32
C ILE K 22 -1.02 -40.03 -10.24
N ILE K 23 -0.45 -40.08 -9.04
CA ILE K 23 -0.89 -39.22 -7.94
C ILE K 23 0.30 -38.43 -7.42
N ASP K 24 1.33 -39.15 -6.96
CA ASP K 24 2.59 -38.59 -6.44
C ASP K 24 2.36 -37.64 -5.27
N GLY K 25 1.51 -38.08 -4.34
CA GLY K 25 1.28 -37.33 -3.11
C GLY K 25 0.41 -36.11 -3.30
N GLY K 26 0.69 -35.09 -2.50
CA GLY K 26 -0.11 -33.87 -2.49
C GLY K 26 0.25 -32.86 -3.55
N GLN K 27 -0.21 -33.11 -4.80
CA GLN K 27 0.01 -32.25 -5.97
C GLN K 27 1.50 -32.07 -6.25
N LYS K 28 2.17 -33.20 -6.49
CA LYS K 28 3.60 -33.35 -6.79
C LYS K 28 4.51 -32.93 -5.64
N ARG K 29 3.94 -32.58 -4.47
CA ARG K 29 4.57 -31.98 -3.28
C ARG K 29 5.21 -30.61 -3.54
N LEU K 30 5.10 -30.10 -4.77
CA LEU K 30 5.73 -28.87 -5.21
C LEU K 30 4.83 -28.27 -6.29
N ARG K 31 4.90 -26.96 -6.46
CA ARG K 31 4.19 -26.30 -7.57
C ARG K 31 5.15 -26.19 -8.75
N ARG K 32 4.82 -26.89 -9.85
CA ARG K 32 5.70 -26.99 -11.01
C ARG K 32 5.03 -26.35 -12.22
N ARG K 33 5.73 -25.39 -12.83
CA ARG K 33 5.24 -24.78 -14.05
C ARG K 33 5.53 -25.69 -15.25
N GLY K 34 4.87 -25.41 -16.36
CA GLY K 34 5.05 -26.20 -17.57
C GLY K 34 4.22 -27.46 -17.55
N ALA K 35 4.56 -28.39 -16.65
CA ALA K 35 3.77 -29.60 -16.46
C ALA K 35 2.51 -29.23 -15.66
N LYS K 36 1.50 -28.81 -16.41
CA LYS K 36 0.23 -28.40 -15.80
C LYS K 36 -0.50 -29.63 -15.27
N THR K 37 -0.82 -29.61 -13.98
CA THR K 37 -1.46 -30.76 -13.35
C THR K 37 -2.93 -30.85 -13.75
N GLU K 38 -3.44 -32.06 -13.83
CA GLU K 38 -4.82 -32.31 -14.17
C GLU K 38 -5.51 -33.09 -13.06
N HIS K 39 -6.82 -32.86 -12.90
CA HIS K 39 -7.61 -33.49 -11.86
C HIS K 39 -8.93 -33.96 -12.47
N TYR K 40 -9.13 -35.27 -12.55
CA TYR K 40 -10.43 -35.84 -12.84
C TYR K 40 -10.83 -36.72 -11.65
N LEU K 41 -12.03 -36.48 -11.13
CA LEU K 41 -12.47 -37.11 -9.89
C LEU K 41 -13.52 -38.16 -10.22
N LYS K 42 -13.18 -39.43 -10.01
CA LYS K 42 -14.09 -40.54 -10.26
C LYS K 42 -14.72 -41.00 -8.95
N ARG K 43 -16.02 -41.30 -9.01
CA ARG K 43 -16.70 -41.84 -7.84
C ARG K 43 -16.34 -43.31 -7.64
N SER K 44 -16.34 -43.75 -6.39
CA SER K 44 -15.92 -45.10 -6.06
C SER K 44 -17.00 -46.14 -6.36
N SER K 45 -18.20 -45.73 -6.78
CA SER K 45 -19.26 -46.70 -7.08
C SER K 45 -19.01 -47.40 -8.41
N ASP K 46 -18.71 -46.63 -9.46
CA ASP K 46 -18.52 -47.20 -10.79
C ASP K 46 -17.30 -46.68 -11.52
N GLY K 47 -16.62 -45.64 -11.03
CA GLY K 47 -15.44 -45.13 -11.69
C GLY K 47 -15.71 -44.25 -12.88
N ILE K 48 -16.80 -43.48 -12.85
CA ILE K 48 -17.11 -42.58 -13.95
C ILE K 48 -16.22 -41.36 -13.87
N LYS K 49 -15.46 -41.09 -14.93
CA LYS K 49 -14.52 -39.98 -14.93
C LYS K 49 -15.24 -38.66 -15.12
N LEU K 50 -14.77 -37.63 -14.41
CA LEU K 50 -15.26 -36.25 -14.55
C LEU K 50 -14.04 -35.40 -14.87
N GLY K 51 -13.69 -35.31 -16.15
CA GLY K 51 -12.48 -34.66 -16.59
C GLY K 51 -12.72 -33.34 -17.29
N ARG K 52 -11.62 -32.70 -17.66
CA ARG K 52 -11.66 -31.41 -18.35
C ARG K 52 -12.04 -31.61 -19.81
N GLY K 53 -13.34 -31.63 -20.10
CA GLY K 53 -13.81 -31.82 -21.45
C GLY K 53 -14.86 -32.92 -21.56
N ASP K 54 -15.29 -33.44 -20.43
CA ASP K 54 -16.31 -34.49 -20.39
C ASP K 54 -17.69 -33.85 -20.40
N SER K 55 -18.69 -34.62 -20.82
CA SER K 55 -20.07 -34.17 -20.91
C SER K 55 -20.91 -35.00 -19.95
N VAL K 56 -21.27 -34.40 -18.82
CA VAL K 56 -22.03 -35.08 -17.77
C VAL K 56 -23.51 -34.75 -17.92
N VAL K 57 -24.36 -35.59 -17.35
CA VAL K 57 -25.81 -35.44 -17.41
C VAL K 57 -26.32 -35.17 -16.01
N MET K 58 -27.22 -34.20 -15.88
CA MET K 58 -27.74 -33.83 -14.56
C MET K 58 -29.13 -33.24 -14.71
N HIS K 59 -30.00 -33.52 -13.75
CA HIS K 59 -31.31 -32.90 -13.74
C HIS K 59 -31.22 -31.49 -13.18
N ASN K 60 -31.98 -30.57 -13.76
CA ASN K 60 -31.91 -29.17 -13.39
C ASN K 60 -32.60 -28.94 -12.05
N GLU K 61 -32.26 -27.80 -11.43
CA GLU K 61 -32.79 -27.47 -10.11
C GLU K 61 -34.22 -26.97 -10.14
N ALA K 62 -34.74 -26.59 -11.31
CA ALA K 62 -36.10 -26.07 -11.39
C ALA K 62 -36.90 -26.77 -12.49
N ALA K 63 -36.21 -27.30 -13.49
CA ALA K 63 -36.90 -27.91 -14.63
C ALA K 63 -37.32 -29.35 -14.31
N GLY K 64 -36.36 -30.19 -13.93
CA GLY K 64 -36.64 -31.60 -13.73
C GLY K 64 -36.16 -32.43 -14.91
N THR K 65 -36.32 -31.88 -16.11
CA THR K 65 -35.76 -32.50 -17.31
C THR K 65 -34.24 -32.38 -17.28
N TYR K 66 -33.56 -33.43 -17.73
CA TYR K 66 -32.10 -33.49 -17.65
C TYR K 66 -31.46 -32.51 -18.62
N SER K 67 -30.16 -32.28 -18.41
CA SER K 67 -29.37 -31.38 -19.23
C SER K 67 -27.92 -31.84 -19.20
N VAL K 68 -27.21 -31.55 -20.28
CA VAL K 68 -25.82 -31.95 -20.43
C VAL K 68 -24.94 -30.74 -20.11
N TYR K 69 -23.86 -30.97 -19.36
CA TYR K 69 -22.88 -29.95 -19.03
C TYR K 69 -21.51 -30.42 -19.48
N MET K 70 -20.84 -29.61 -20.30
CA MET K 70 -19.52 -29.92 -20.83
C MET K 70 -18.50 -29.18 -19.99
N ILE K 71 -17.68 -29.93 -19.24
CA ILE K 71 -16.80 -29.38 -18.21
C ILE K 71 -15.68 -28.60 -18.88
N GLN K 72 -15.54 -27.32 -18.52
CA GLN K 72 -14.46 -26.50 -19.06
C GLN K 72 -13.29 -26.43 -18.09
N GLU K 73 -13.57 -26.40 -16.78
CA GLU K 73 -12.51 -26.27 -15.78
C GLU K 73 -13.07 -26.75 -14.45
N LEU K 74 -12.19 -27.22 -13.58
CA LEU K 74 -12.56 -27.54 -12.21
C LEU K 74 -11.45 -27.08 -11.27
N ARG K 75 -11.85 -26.37 -10.22
CA ARG K 75 -10.93 -25.76 -9.28
C ARG K 75 -11.11 -26.41 -7.91
N LEU K 76 -10.03 -27.00 -7.39
CA LEU K 76 -10.12 -27.73 -6.15
C LEU K 76 -10.17 -26.78 -4.97
N ASN K 77 -11.18 -26.96 -4.11
CA ASN K 77 -11.31 -26.35 -2.79
C ASN K 77 -11.33 -24.82 -2.85
N THR K 78 -12.41 -24.32 -3.46
CA THR K 78 -12.73 -22.90 -3.41
C THR K 78 -13.43 -22.54 -2.11
N LEU K 79 -14.02 -21.35 -2.05
CA LEU K 79 -14.50 -20.78 -0.80
C LEU K 79 -15.92 -21.21 -0.46
N ASN K 80 -16.88 -20.91 -1.35
CA ASN K 80 -18.27 -21.28 -1.08
C ASN K 80 -18.50 -22.77 -1.27
N ASN K 81 -17.96 -23.34 -2.34
CA ASN K 81 -18.08 -24.75 -2.62
C ASN K 81 -16.83 -25.49 -2.15
N VAL K 82 -16.99 -26.79 -1.90
CA VAL K 82 -15.85 -27.61 -1.50
C VAL K 82 -14.99 -27.97 -2.72
N VAL K 83 -15.54 -27.84 -3.93
CA VAL K 83 -14.81 -27.87 -5.19
C VAL K 83 -15.70 -27.19 -6.24
N GLU K 84 -15.13 -26.29 -7.04
CA GLU K 84 -15.89 -25.58 -8.04
C GLU K 84 -15.70 -26.22 -9.41
N LEU K 85 -16.74 -26.13 -10.23
CA LEU K 85 -16.74 -26.77 -11.54
C LEU K 85 -17.42 -25.83 -12.53
N TRP K 86 -16.63 -25.26 -13.45
CA TRP K 86 -17.16 -24.43 -14.51
C TRP K 86 -17.39 -25.31 -15.74
N ALA K 87 -18.65 -25.45 -16.14
CA ALA K 87 -19.03 -26.32 -17.24
C ALA K 87 -19.86 -25.55 -18.25
N LEU K 88 -19.67 -25.87 -19.52
CA LEU K 88 -20.44 -25.24 -20.59
C LEU K 88 -21.81 -25.90 -20.70
N THR K 89 -22.83 -25.07 -20.91
CA THR K 89 -24.21 -25.57 -20.93
C THR K 89 -24.55 -26.18 -22.28
N TYR K 90 -25.75 -26.75 -22.37
CA TYR K 90 -26.29 -27.32 -23.60
C TYR K 90 -27.68 -26.75 -23.83
N LEU K 91 -28.13 -26.80 -25.08
CA LEU K 91 -29.46 -26.31 -25.42
C LEU K 91 -30.46 -27.46 -25.47
N ARG K 92 -31.51 -27.35 -24.65
CA ARG K 92 -32.58 -28.35 -24.64
C ARG K 92 -33.55 -28.07 -25.78
N TRP K 93 -34.09 -29.15 -26.36
CA TRP K 93 -35.00 -29.03 -27.49
C TRP K 93 -36.41 -28.60 -27.09
N PHE K 94 -36.69 -28.46 -25.79
CA PHE K 94 -37.99 -28.16 -25.16
C PHE K 94 -39.22 -28.80 -25.81
N ASN K 130 -33.74 -36.99 -30.48
CA ASN K 130 -33.00 -36.38 -29.38
C ASN K 130 -31.73 -35.71 -29.87
N GLU K 131 -31.83 -34.42 -30.20
CA GLU K 131 -30.70 -33.63 -30.68
C GLU K 131 -30.44 -32.48 -29.72
N LEU K 132 -29.17 -32.32 -29.35
CA LEU K 132 -28.75 -31.32 -28.37
C LEU K 132 -27.76 -30.36 -29.02
N TYR K 133 -28.01 -29.07 -28.88
CA TYR K 133 -27.10 -28.06 -29.41
C TYR K 133 -26.08 -27.64 -28.34
N LEU K 134 -24.93 -27.18 -28.82
CA LEU K 134 -23.86 -26.74 -27.93
C LEU K 134 -24.05 -25.27 -27.54
N THR K 135 -23.54 -24.93 -26.36
CA THR K 135 -23.62 -23.58 -25.84
C THR K 135 -22.32 -23.26 -25.12
N ALA K 136 -21.78 -22.06 -25.39
CA ALA K 136 -20.55 -21.60 -24.77
C ALA K 136 -20.79 -20.83 -23.48
N GLU K 137 -21.93 -21.05 -22.83
CA GLU K 137 -22.25 -20.36 -21.58
C GLU K 137 -21.76 -21.18 -20.39
N LEU K 138 -20.92 -20.56 -19.57
CA LEU K 138 -20.41 -21.22 -18.37
C LEU K 138 -21.47 -21.25 -17.29
N ALA K 139 -21.44 -22.31 -16.48
CA ALA K 139 -22.32 -22.45 -15.32
C ALA K 139 -21.64 -23.38 -14.33
N GLU K 140 -22.31 -23.64 -13.21
CA GLU K 140 -21.74 -24.47 -12.16
C GLU K 140 -22.71 -25.58 -11.79
N LEU K 141 -22.21 -26.81 -11.74
CA LEU K 141 -23.01 -27.98 -11.43
C LEU K 141 -22.68 -28.48 -10.03
N GLN K 142 -23.72 -28.82 -9.27
CA GLN K 142 -23.57 -29.38 -7.93
C GLN K 142 -23.62 -30.91 -7.99
N LEU K 143 -23.21 -31.54 -6.88
CA LEU K 143 -23.09 -32.99 -6.85
C LEU K 143 -24.43 -33.70 -6.73
N PHE K 144 -25.46 -33.02 -6.21
CA PHE K 144 -26.76 -33.65 -6.04
C PHE K 144 -27.59 -33.70 -7.31
N ASN K 145 -27.05 -33.23 -8.43
CA ASN K 145 -27.75 -33.28 -9.71
C ASN K 145 -27.18 -34.29 -10.68
N PHE K 146 -25.86 -34.50 -10.66
CA PHE K 146 -25.18 -35.34 -11.65
C PHE K 146 -25.56 -36.80 -11.47
N ILE K 147 -25.96 -37.44 -12.57
CA ILE K 147 -26.40 -38.84 -12.55
C ILE K 147 -25.48 -39.73 -13.38
N ARG K 148 -25.34 -39.45 -14.67
CA ARG K 148 -24.57 -40.30 -15.56
C ARG K 148 -23.74 -39.43 -16.49
N VAL K 149 -22.82 -40.07 -17.22
CA VAL K 149 -21.99 -39.42 -18.21
C VAL K 149 -22.45 -39.88 -19.59
N ALA K 150 -22.24 -39.03 -20.59
CA ALA K 150 -22.65 -39.34 -21.96
C ALA K 150 -21.78 -38.52 -22.90
N ASN K 151 -20.92 -39.19 -23.67
CA ASN K 151 -20.08 -38.53 -24.65
C ASN K 151 -20.94 -38.20 -25.87
N VAL K 152 -21.52 -37.00 -25.86
CA VAL K 152 -22.43 -36.57 -26.92
C VAL K 152 -21.61 -36.18 -28.14
N MET K 153 -21.76 -36.93 -29.22
CA MET K 153 -21.08 -36.67 -30.48
C MET K 153 -22.10 -36.67 -31.61
N ASP K 154 -21.64 -36.32 -32.81
CA ASP K 154 -22.50 -36.26 -33.98
C ASP K 154 -22.70 -37.65 -34.58
N GLY K 155 -23.60 -37.72 -35.56
CA GLY K 155 -23.89 -38.97 -36.22
C GLY K 155 -23.06 -39.21 -37.47
N ASP K 170 -25.56 -41.82 -26.54
CA ASP K 170 -27.00 -41.89 -26.30
C ASP K 170 -27.70 -40.65 -26.85
N PHE K 171 -26.92 -39.61 -27.12
CA PHE K 171 -27.43 -38.34 -27.65
C PHE K 171 -26.71 -38.02 -28.94
N THR K 172 -27.16 -36.94 -29.59
CA THR K 172 -26.62 -36.52 -30.88
C THR K 172 -26.49 -35.01 -30.90
N VAL K 173 -25.29 -34.52 -31.17
CA VAL K 173 -25.06 -33.09 -31.35
C VAL K 173 -25.29 -32.75 -32.82
N ARG K 174 -25.77 -31.53 -33.07
CA ARG K 174 -26.00 -31.05 -34.42
C ARG K 174 -25.13 -29.86 -34.78
N TYR K 175 -25.18 -28.80 -33.98
CA TYR K 175 -24.43 -27.59 -34.24
C TYR K 175 -24.29 -26.79 -32.95
N ILE K 176 -23.17 -26.05 -32.85
CA ILE K 176 -23.03 -25.06 -31.80
C ILE K 176 -24.03 -23.94 -32.04
N CYS K 177 -24.69 -23.51 -30.98
CA CYS K 177 -25.74 -22.49 -31.07
C CYS K 177 -25.61 -21.56 -29.86
N GLU K 178 -26.63 -20.73 -29.68
CA GLU K 178 -26.66 -19.73 -28.62
C GLU K 178 -28.07 -19.68 -28.06
N PRO K 179 -28.26 -19.18 -26.83
CA PRO K 179 -29.62 -18.97 -26.31
C PRO K 179 -30.42 -17.89 -27.04
N THR K 180 -29.78 -17.07 -27.87
CA THR K 180 -30.54 -16.12 -28.69
C THR K 180 -31.34 -16.83 -29.77
N GLY K 181 -30.82 -17.93 -30.31
CA GLY K 181 -31.54 -18.74 -31.26
C GLY K 181 -31.03 -18.70 -32.70
N GLU K 182 -29.74 -18.49 -32.92
CA GLU K 182 -29.20 -18.42 -34.28
C GLU K 182 -27.74 -18.89 -34.24
N LYS K 183 -27.04 -18.69 -35.36
CA LYS K 183 -25.62 -18.99 -35.54
C LYS K 183 -25.31 -20.48 -35.29
N PHE K 184 -25.94 -21.32 -36.11
CA PHE K 184 -25.74 -22.76 -36.03
C PHE K 184 -24.47 -23.12 -36.79
N VAL K 185 -23.43 -23.52 -36.05
CA VAL K 185 -22.15 -23.90 -36.64
C VAL K 185 -21.96 -25.39 -36.41
N ASP K 186 -22.01 -26.18 -37.49
CA ASP K 186 -22.02 -27.64 -37.39
C ASP K 186 -20.60 -28.15 -37.12
N ILE K 187 -20.17 -28.01 -35.87
CA ILE K 187 -18.89 -28.52 -35.40
C ILE K 187 -19.15 -29.41 -34.19
N ASN K 188 -18.58 -30.61 -34.19
CA ASN K 188 -18.74 -31.55 -33.10
C ASN K 188 -17.79 -31.17 -31.95
N ILE K 189 -17.80 -31.96 -30.88
CA ILE K 189 -17.02 -31.64 -29.69
C ILE K 189 -15.62 -32.23 -29.70
N GLU K 190 -15.28 -33.02 -30.73
CA GLU K 190 -13.98 -33.68 -30.75
C GLU K 190 -12.86 -32.72 -31.12
N ASP K 191 -13.18 -31.62 -31.79
CA ASP K 191 -12.16 -30.67 -32.23
C ASP K 191 -11.75 -29.72 -31.10
N VAL K 192 -12.64 -29.46 -30.14
CA VAL K 192 -12.34 -28.50 -29.08
C VAL K 192 -11.79 -29.15 -27.82
N LYS K 193 -11.97 -30.47 -27.66
CA LYS K 193 -11.52 -31.12 -26.43
C LYS K 193 -10.00 -31.22 -26.35
N ALA K 194 -9.33 -31.26 -27.50
CA ALA K 194 -7.86 -31.27 -27.48
C ALA K 194 -7.32 -29.91 -27.05
N TYR K 195 -7.93 -28.82 -27.50
CA TYR K 195 -7.53 -27.49 -27.06
C TYR K 195 -7.93 -27.24 -25.62
N ILE K 196 -8.99 -27.91 -25.15
CA ILE K 196 -9.38 -27.79 -23.73
C ILE K 196 -8.37 -28.51 -22.85
N LYS K 197 -8.00 -29.74 -23.22
CA LYS K 197 -7.10 -30.53 -22.39
C LYS K 197 -5.64 -30.06 -22.48
N LYS K 198 -5.24 -29.50 -23.62
CA LYS K 198 -3.85 -29.11 -23.81
C LYS K 198 -3.56 -27.69 -23.34
N VAL K 199 -4.48 -26.76 -23.58
CA VAL K 199 -4.28 -25.35 -23.28
C VAL K 199 -5.19 -24.98 -22.11
N GLU K 200 -4.71 -24.06 -21.27
CA GLU K 200 -5.53 -23.50 -20.20
C GLU K 200 -6.73 -22.75 -20.78
N PRO K 201 -7.87 -22.75 -20.08
CA PRO K 201 -9.11 -22.22 -20.69
C PRO K 201 -9.15 -20.71 -20.87
N ARG K 202 -8.11 -19.96 -20.46
CA ARG K 202 -8.08 -18.53 -20.70
C ARG K 202 -7.96 -18.21 -22.19
N GLU K 203 -7.34 -19.10 -22.96
CA GLU K 203 -7.34 -18.99 -24.41
C GLU K 203 -8.40 -19.84 -25.08
N ALA K 204 -8.83 -20.93 -24.43
CA ALA K 204 -9.87 -21.77 -25.01
C ALA K 204 -11.23 -21.10 -24.96
N GLN K 205 -11.44 -20.18 -24.01
CA GLN K 205 -12.68 -19.40 -23.99
C GLN K 205 -12.80 -18.52 -25.23
N GLU K 206 -11.74 -17.78 -25.55
CA GLU K 206 -11.72 -17.00 -26.78
C GLU K 206 -11.66 -17.89 -28.02
N TYR K 207 -11.14 -19.11 -27.89
CA TYR K 207 -11.12 -20.03 -29.03
C TYR K 207 -12.52 -20.48 -29.40
N LEU K 208 -13.33 -20.92 -28.43
CA LEU K 208 -14.68 -21.31 -28.83
C LEU K 208 -15.62 -20.12 -28.96
N LYS K 209 -15.25 -18.96 -28.43
CA LYS K 209 -16.01 -17.75 -28.73
C LYS K 209 -15.76 -17.25 -30.14
N ASP K 210 -14.54 -17.44 -30.66
CA ASP K 210 -14.24 -17.05 -32.03
C ASP K 210 -14.71 -18.10 -33.03
N LEU K 211 -14.87 -19.34 -32.60
CA LEU K 211 -15.42 -20.39 -33.47
C LEU K 211 -16.91 -20.19 -33.71
N THR K 212 -17.60 -19.46 -32.85
CA THR K 212 -19.01 -19.14 -33.03
C THR K 212 -19.13 -17.84 -33.84
N LEU K 213 -20.34 -17.28 -33.87
CA LEU K 213 -20.68 -16.01 -34.57
C LEU K 213 -20.33 -16.05 -36.06
N ALA L 2 9.80 22.03 27.46
CA ALA L 2 9.54 21.25 28.66
C ALA L 2 9.44 19.76 28.38
N LYS L 3 9.67 18.95 29.41
CA LYS L 3 9.69 17.50 29.24
C LYS L 3 8.28 16.93 29.21
N THR L 4 7.51 17.12 30.29
CA THR L 4 6.18 16.57 30.40
C THR L 4 5.23 17.64 30.93
N LEU L 5 4.00 17.22 31.22
CA LEU L 5 2.99 18.14 31.73
C LEU L 5 3.24 18.56 33.17
N LYS L 6 4.06 17.81 33.91
CA LYS L 6 4.44 18.24 35.26
C LYS L 6 5.39 19.43 35.21
N ASP L 7 6.18 19.55 34.15
CA ASP L 7 7.06 20.69 33.95
C ASP L 7 6.48 21.74 33.03
N LEU L 8 5.34 21.46 32.38
CA LEU L 8 4.69 22.40 31.49
C LEU L 8 3.65 23.27 32.20
N GLN L 9 3.71 23.35 33.53
CA GLN L 9 2.80 24.17 34.30
C GLN L 9 3.32 25.58 34.54
N GLY L 10 4.34 26.00 33.80
CA GLY L 10 4.89 27.33 33.95
C GLY L 10 4.90 28.11 32.65
N TRP L 11 4.19 27.60 31.64
CA TRP L 11 4.14 28.25 30.34
C TRP L 11 2.77 28.03 29.72
N GLU L 12 2.42 28.89 28.77
CA GLU L 12 1.16 28.80 28.05
C GLU L 12 1.44 28.98 26.57
N ILE L 13 0.48 28.56 25.75
CA ILE L 13 0.63 28.59 24.29
C ILE L 13 0.15 29.94 23.78
N ILE L 14 1.09 30.75 23.31
CA ILE L 14 0.78 32.04 22.69
C ILE L 14 0.97 31.87 21.19
N THR L 15 -0.14 31.91 20.45
CA THR L 15 -0.16 31.60 19.03
C THR L 15 -0.41 32.89 18.25
N THR L 16 0.68 33.57 17.88
CA THR L 16 0.57 34.79 17.08
C THR L 16 0.41 34.42 15.61
N ASP L 17 -0.63 34.95 14.97
CA ASP L 17 -0.95 34.57 13.60
C ASP L 17 -0.03 35.29 12.61
N GLU L 18 -0.13 36.61 12.56
CA GLU L 18 0.75 37.44 11.76
C GLU L 18 1.94 37.87 12.64
N GLN L 19 2.69 38.87 12.17
CA GLN L 19 3.79 39.41 12.96
C GLN L 19 3.29 40.14 14.21
N GLY L 20 2.04 40.60 14.22
CA GLY L 20 1.45 41.14 15.43
C GLY L 20 1.16 40.07 16.46
N ASN L 21 0.95 40.51 17.70
CA ASN L 21 0.78 39.59 18.83
C ASN L 21 -0.71 39.43 19.12
N ILE L 22 -1.27 38.30 18.69
CA ILE L 22 -2.65 37.93 18.96
C ILE L 22 -2.68 36.45 19.34
N ILE L 23 -3.89 35.94 19.57
CA ILE L 23 -4.08 34.51 19.88
C ILE L 23 -5.05 33.92 18.88
N ASP L 24 -6.27 34.46 18.85
CA ASP L 24 -7.37 34.06 17.97
C ASP L 24 -7.72 32.57 18.11
N GLY L 25 -7.82 32.14 19.37
CA GLY L 25 -8.26 30.79 19.66
C GLY L 25 -7.20 29.74 19.42
N GLY L 26 -7.65 28.56 19.01
CA GLY L 26 -6.79 27.41 18.81
C GLY L 26 -6.09 27.37 17.46
N GLN L 27 -5.02 28.16 17.32
CA GLN L 27 -4.19 28.26 16.11
C GLN L 27 -5.03 28.67 14.90
N LYS L 28 -5.64 29.86 15.02
CA LYS L 28 -6.51 30.53 14.04
C LYS L 28 -7.80 29.76 13.75
N ARG L 29 -8.06 28.66 14.47
CA ARG L 29 -9.13 27.67 14.28
C ARG L 29 -9.06 26.94 12.94
N LEU L 30 -8.06 27.24 12.11
CA LEU L 30 -7.90 26.73 10.75
C LEU L 30 -6.40 26.67 10.47
N ARG L 31 -6.00 25.79 9.57
CA ARG L 31 -4.62 25.76 9.11
C ARG L 31 -4.49 26.63 7.86
N ARG L 32 -3.73 27.72 7.96
CA ARG L 32 -3.64 28.71 6.89
C ARG L 32 -2.21 28.77 6.37
N ARG L 33 -2.06 28.57 5.06
CA ARG L 33 -0.76 28.71 4.42
C ARG L 33 -0.43 30.18 4.20
N GLY L 34 0.85 30.45 3.92
CA GLY L 34 1.30 31.81 3.70
C GLY L 34 1.55 32.55 5.00
N ALA L 35 0.50 32.81 5.75
CA ALA L 35 0.61 33.41 7.09
C ALA L 35 1.09 32.34 8.04
N LYS L 36 2.42 32.18 8.11
CA LYS L 36 3.04 31.19 8.98
C LYS L 36 2.90 31.62 10.43
N THR L 37 2.28 30.77 11.24
CA THR L 37 2.03 31.11 12.64
C THR L 37 3.32 31.02 13.45
N GLU L 38 3.43 31.87 14.47
CA GLU L 38 4.58 31.90 15.35
C GLU L 38 4.15 31.65 16.79
N HIS L 39 5.03 31.04 17.57
CA HIS L 39 4.77 30.70 18.96
C HIS L 39 5.99 31.08 19.80
N TYR L 40 5.84 32.07 20.67
CA TYR L 40 6.81 32.34 21.71
C TYR L 40 6.10 32.21 23.06
N LEU L 41 6.68 31.40 23.94
CA LEU L 41 6.03 31.03 25.20
C LEU L 41 6.73 31.75 26.34
N LYS L 42 6.01 32.69 26.97
CA LYS L 42 6.55 33.44 28.10
C LYS L 42 6.03 32.85 29.40
N ARG L 43 6.92 32.78 30.40
CA ARG L 43 6.51 32.32 31.72
C ARG L 43 5.74 33.42 32.45
N SER L 44 4.81 33.02 33.31
CA SER L 44 3.96 33.97 34.01
C SER L 44 4.65 34.66 35.17
N SER L 45 5.88 34.28 35.51
CA SER L 45 6.58 34.91 36.62
C SER L 45 7.09 36.30 36.24
N ASP L 46 7.75 36.42 35.08
CA ASP L 46 8.34 37.68 34.66
C ASP L 46 8.07 38.04 33.20
N GLY L 47 7.54 37.13 32.40
CA GLY L 47 7.25 37.45 31.01
C GLY L 47 8.45 37.40 30.09
N ILE L 48 9.41 36.51 30.35
CA ILE L 48 10.59 36.39 29.50
C ILE L 48 10.20 35.64 28.23
N LYS L 49 10.41 36.26 27.08
CA LYS L 49 10.02 35.66 25.82
C LYS L 49 11.01 34.58 25.41
N LEU L 50 10.48 33.50 24.83
CA LEU L 50 11.28 32.41 24.26
C LEU L 50 10.82 32.25 22.82
N GLY L 51 11.44 33.04 21.92
CA GLY L 51 11.01 33.12 20.54
C GLY L 51 11.99 32.46 19.58
N ARG L 52 11.60 32.47 18.31
CA ARG L 52 12.41 31.89 17.25
C ARG L 52 13.58 32.81 16.91
N GLY L 53 14.69 32.66 17.63
CA GLY L 53 15.86 33.47 17.40
C GLY L 53 16.40 34.10 18.66
N ASP L 54 15.84 33.72 19.81
CA ASP L 54 16.28 34.22 21.10
C ASP L 54 17.44 33.38 21.62
N SER L 55 18.22 33.97 22.52
CA SER L 55 19.38 33.31 23.10
C SER L 55 19.13 33.16 24.61
N VAL L 56 18.82 31.94 25.03
CA VAL L 56 18.50 31.64 26.42
C VAL L 56 19.75 31.10 27.10
N VAL L 57 19.77 31.17 28.43
CA VAL L 57 20.90 30.71 29.24
C VAL L 57 20.41 29.55 30.10
N MET L 58 21.22 28.49 30.17
CA MET L 58 20.83 27.29 30.91
C MET L 58 22.08 26.57 31.39
N HIS L 59 22.00 25.99 32.59
CA HIS L 59 23.10 25.17 33.07
C HIS L 59 23.02 23.79 32.44
N ASN L 60 24.19 23.24 32.11
CA ASN L 60 24.26 21.96 31.41
C ASN L 60 23.93 20.81 32.36
N GLU L 61 23.59 19.66 31.78
CA GLU L 61 23.19 18.50 32.55
C GLU L 61 24.37 17.75 33.17
N ALA L 62 25.59 18.02 32.72
CA ALA L 62 26.75 17.33 33.25
C ALA L 62 27.85 18.29 33.66
N ALA L 63 27.88 19.47 33.04
CA ALA L 63 28.95 20.44 33.32
C ALA L 63 28.68 21.23 34.59
N GLY L 64 27.53 21.90 34.65
CA GLY L 64 27.23 22.79 35.75
C GLY L 64 27.44 24.24 35.37
N THR L 65 28.47 24.48 34.57
CA THR L 65 28.70 25.81 34.01
C THR L 65 27.63 26.10 32.97
N TYR L 66 27.16 27.34 32.93
CA TYR L 66 26.04 27.72 32.07
C TYR L 66 26.47 27.72 30.59
N SER L 67 25.47 27.76 29.72
CA SER L 67 25.66 27.77 28.29
C SER L 67 24.48 28.47 27.63
N VAL L 68 24.75 29.08 26.49
CA VAL L 68 23.75 29.83 25.74
C VAL L 68 23.23 28.95 24.61
N TYR L 69 21.91 28.96 24.41
CA TYR L 69 21.27 28.25 23.33
C TYR L 69 20.45 29.23 22.51
N MET L 70 20.72 29.28 21.20
CA MET L 70 20.03 30.17 20.27
C MET L 70 18.94 29.37 19.57
N ILE L 71 17.69 29.71 19.84
CA ILE L 71 16.53 28.91 19.44
C ILE L 71 16.35 29.01 17.93
N GLN L 72 16.36 27.86 17.25
CA GLN L 72 16.14 27.83 15.82
C GLN L 72 14.69 27.51 15.47
N GLU L 73 14.06 26.64 16.26
CA GLU L 73 12.68 26.22 15.99
C GLU L 73 12.09 25.66 17.27
N LEU L 74 10.77 25.74 17.38
CA LEU L 74 10.07 25.07 18.48
C LEU L 74 8.79 24.46 17.93
N ARG L 75 8.57 23.19 18.27
CA ARG L 75 7.45 22.41 17.77
C ARG L 75 6.53 22.05 18.92
N LEU L 76 5.27 22.47 18.82
CA LEU L 76 4.33 22.27 19.91
C LEU L 76 3.85 20.83 19.94
N ASN L 77 3.98 20.21 21.11
CA ASN L 77 3.36 18.93 21.47
C ASN L 77 3.82 17.78 20.55
N THR L 78 5.10 17.48 20.66
CA THR L 78 5.67 16.29 20.04
C THR L 78 5.42 15.06 20.91
N LEU L 79 6.11 13.97 20.61
CA LEU L 79 5.80 12.66 21.19
C LEU L 79 6.48 12.42 22.53
N ASN L 80 7.82 12.47 22.55
CA ASN L 80 8.53 12.22 23.80
C ASN L 80 8.43 13.41 24.74
N ASN L 81 8.61 14.62 24.21
CA ASN L 81 8.50 15.84 24.99
C ASN L 81 7.11 16.46 24.84
N VAL L 82 6.72 17.26 25.84
CA VAL L 82 5.44 17.94 25.77
C VAL L 82 5.53 19.16 24.85
N VAL L 83 6.75 19.63 24.55
CA VAL L 83 7.04 20.59 23.50
C VAL L 83 8.52 20.45 23.16
N GLU L 84 8.86 20.40 21.87
CA GLU L 84 10.25 20.24 21.47
C GLU L 84 10.84 21.59 21.06
N LEU L 85 12.14 21.73 21.29
CA LEU L 85 12.83 23.00 21.05
C LEU L 85 14.20 22.70 20.45
N TRP L 86 14.37 23.00 19.17
CA TRP L 86 15.66 22.86 18.51
C TRP L 86 16.38 24.20 18.59
N ALA L 87 17.51 24.21 19.30
CA ALA L 87 18.28 25.43 19.54
C ALA L 87 19.72 25.22 19.13
N LEU L 88 20.33 26.26 18.59
CA LEU L 88 21.74 26.22 18.21
C LEU L 88 22.62 26.42 19.43
N THR L 89 23.70 25.65 19.52
CA THR L 89 24.57 25.68 20.69
C THR L 89 25.54 26.86 20.61
N TYR L 90 26.30 27.02 21.69
CA TYR L 90 27.34 28.04 21.80
C TYR L 90 28.63 27.38 22.24
N LEU L 91 29.76 28.04 21.96
CA LEU L 91 31.05 27.52 22.37
C LEU L 91 31.50 28.17 23.68
N ARG L 92 31.75 27.34 24.69
CA ARG L 92 32.25 27.80 25.97
C ARG L 92 33.77 28.01 25.90
N TRP L 93 34.25 29.04 26.60
CA TRP L 93 35.66 29.37 26.59
C TRP L 93 36.52 28.45 27.44
N PHE L 94 35.91 27.50 28.15
CA PHE L 94 36.51 26.56 29.13
C PHE L 94 37.65 27.12 29.99
N ASN L 130 34.65 37.54 29.05
CA ASN L 130 33.56 36.63 28.74
C ASN L 130 33.15 36.74 27.28
N GLU L 131 33.76 35.92 26.42
CA GLU L 131 33.47 35.90 25.00
C GLU L 131 32.95 34.52 24.61
N LEU L 132 31.85 34.51 23.86
CA LEU L 132 31.18 33.27 23.47
C LEU L 132 31.12 33.19 21.95
N TYR L 133 31.55 32.05 21.41
CA TYR L 133 31.50 31.84 19.97
C TYR L 133 30.20 31.15 19.57
N LEU L 134 29.79 31.38 18.33
CA LEU L 134 28.57 30.80 17.80
C LEU L 134 28.83 29.41 17.24
N THR L 135 27.78 28.58 17.27
CA THR L 135 27.85 27.22 16.77
C THR L 135 26.54 26.89 16.08
N ALA L 136 26.63 26.27 14.91
CA ALA L 136 25.46 25.87 14.12
C ALA L 136 25.00 24.45 14.44
N GLU L 137 25.33 23.94 15.62
CA GLU L 137 24.93 22.60 16.03
C GLU L 137 23.60 22.65 16.75
N LEU L 138 22.62 21.91 16.24
CA LEU L 138 21.31 21.83 16.87
C LEU L 138 21.36 20.94 18.09
N ALA L 139 20.55 21.28 19.09
CA ALA L 139 20.38 20.47 20.30
C ALA L 139 19.01 20.78 20.88
N GLU L 140 18.69 20.14 22.00
CA GLU L 140 17.39 20.30 22.63
C GLU L 140 17.56 20.68 24.09
N LEU L 141 16.86 21.73 24.52
CA LEU L 141 16.93 22.22 25.89
C LEU L 141 15.65 21.86 26.64
N GLN L 142 15.81 21.40 27.87
CA GLN L 142 14.69 21.08 28.74
C GLN L 142 14.37 22.26 29.66
N LEU L 143 13.20 22.20 30.30
CA LEU L 143 12.72 23.32 31.09
C LEU L 143 13.41 23.43 32.44
N PHE L 144 13.99 22.35 32.95
CA PHE L 144 14.64 22.38 34.26
C PHE L 144 16.05 22.96 34.21
N ASN L 145 16.51 23.40 33.05
CA ASN L 145 17.84 24.00 32.92
C ASN L 145 17.79 25.50 32.68
N PHE L 146 16.78 25.99 31.95
CA PHE L 146 16.72 27.39 31.54
C PHE L 146 16.50 28.31 32.73
N ILE L 147 17.33 29.35 32.85
CA ILE L 147 17.28 30.28 33.98
C ILE L 147 16.92 31.69 33.50
N ARG L 148 17.74 32.28 32.64
CA ARG L 148 17.55 33.65 32.21
C ARG L 148 17.77 33.76 30.71
N VAL L 149 17.42 34.91 30.16
CA VAL L 149 17.65 35.21 28.75
C VAL L 149 18.75 36.28 28.66
N ALA L 150 19.48 36.26 27.55
CA ALA L 150 20.57 37.21 27.33
C ALA L 150 20.78 37.37 25.84
N ASN L 151 20.48 38.55 25.32
CA ASN L 151 20.70 38.85 23.90
C ASN L 151 22.19 39.09 23.68
N VAL L 152 22.90 38.02 23.35
CA VAL L 152 24.34 38.08 23.18
C VAL L 152 24.66 38.72 21.83
N MET L 153 25.28 39.89 21.86
CA MET L 153 25.68 40.62 20.66
C MET L 153 27.14 41.00 20.78
N ASP L 154 27.67 41.58 19.71
CA ASP L 154 29.07 42.00 19.67
C ASP L 154 29.24 43.36 20.33
N GLY L 155 30.50 43.76 20.49
CA GLY L 155 30.83 45.03 21.10
C GLY L 155 30.97 46.16 20.10
N ASP L 170 24.99 41.04 28.50
CA ASP L 170 25.84 40.57 29.58
C ASP L 170 27.02 39.77 29.04
N PHE L 171 26.91 39.33 27.79
CA PHE L 171 27.95 38.56 27.13
C PHE L 171 28.36 39.26 25.84
N THR L 172 29.38 38.70 25.18
CA THR L 172 29.93 39.29 23.97
C THR L 172 30.25 38.17 22.99
N VAL L 173 29.69 38.27 21.78
CA VAL L 173 30.02 37.35 20.71
C VAL L 173 31.21 37.90 19.94
N ARG L 174 32.04 37.00 19.42
CA ARG L 174 33.21 37.37 18.64
C ARG L 174 33.11 36.90 17.19
N TYR L 175 32.91 35.59 16.99
CA TYR L 175 32.85 35.02 15.64
C TYR L 175 32.12 33.69 15.69
N ILE L 176 31.44 33.36 14.59
CA ILE L 176 30.92 32.02 14.41
C ILE L 176 32.09 31.05 14.28
N CYS L 177 31.98 29.92 14.97
CA CYS L 177 33.04 28.93 15.00
C CYS L 177 32.41 27.53 14.94
N GLU L 178 33.23 26.52 15.20
CA GLU L 178 32.83 25.13 15.14
C GLU L 178 33.49 24.38 16.29
N PRO L 179 32.95 23.24 16.70
CA PRO L 179 33.64 22.42 17.71
C PRO L 179 34.96 21.81 17.23
N THR L 180 35.26 21.84 15.93
CA THR L 180 36.58 21.40 15.47
C THR L 180 37.67 22.38 15.89
N GLY L 181 37.36 23.66 15.95
CA GLY L 181 38.29 24.66 16.44
C GLY L 181 38.87 25.61 15.41
N GLU L 182 38.14 25.92 14.33
CA GLU L 182 38.65 26.81 13.30
C GLU L 182 37.47 27.52 12.64
N LYS L 183 37.74 28.21 11.54
CA LYS L 183 36.76 28.93 10.71
C LYS L 183 36.00 29.99 11.51
N PHE L 184 36.77 30.94 12.03
CA PHE L 184 36.20 32.06 12.79
C PHE L 184 35.68 33.11 11.81
N VAL L 185 34.37 33.26 11.72
CA VAL L 185 33.73 34.23 10.84
C VAL L 185 33.07 35.28 11.71
N ASP L 186 33.59 36.51 11.69
CA ASP L 186 33.16 37.56 12.62
C ASP L 186 31.84 38.16 12.12
N ILE L 187 30.76 37.43 12.36
CA ILE L 187 29.40 37.87 12.06
C ILE L 187 28.57 37.77 13.33
N ASN L 188 27.87 38.83 13.68
CA ASN L 188 27.02 38.85 14.85
C ASN L 188 25.69 38.14 14.56
N ILE L 189 24.80 38.10 15.56
CA ILE L 189 23.55 37.36 15.43
C ILE L 189 22.41 38.20 14.87
N GLU L 190 22.62 39.49 14.62
CA GLU L 190 21.53 40.35 14.16
C GLU L 190 21.23 40.11 12.68
N ASP L 191 22.18 39.60 11.92
CA ASP L 191 21.97 39.39 10.49
C ASP L 191 21.20 38.12 10.20
N VAL L 192 21.27 37.11 11.08
CA VAL L 192 20.63 35.84 10.82
C VAL L 192 19.25 35.73 11.46
N LYS L 193 18.91 36.59 12.43
CA LYS L 193 17.64 36.48 13.12
C LYS L 193 16.47 36.90 12.23
N ALA L 194 16.72 37.79 11.26
CA ALA L 194 15.67 38.17 10.33
C ALA L 194 15.34 37.02 9.38
N TYR L 195 16.37 36.30 8.91
CA TYR L 195 16.13 35.13 8.08
C TYR L 195 15.54 33.97 8.89
N ILE L 196 15.82 33.92 10.18
CA ILE L 196 15.22 32.91 11.04
C ILE L 196 13.72 33.20 11.24
N LYS L 197 13.38 34.45 11.55
CA LYS L 197 12.00 34.80 11.83
C LYS L 197 11.14 34.87 10.56
N LYS L 198 11.73 35.22 9.43
CA LYS L 198 10.96 35.40 8.21
C LYS L 198 10.81 34.11 7.40
N VAL L 199 11.87 33.31 7.33
CA VAL L 199 11.90 32.10 6.52
C VAL L 199 11.89 30.89 7.44
N GLU L 200 11.23 29.82 6.99
CA GLU L 200 11.26 28.55 7.70
C GLU L 200 12.69 28.01 7.75
N PRO L 201 13.06 27.29 8.82
CA PRO L 201 14.47 26.92 9.03
C PRO L 201 15.01 25.87 8.07
N ARG L 202 14.19 25.32 7.16
CA ARG L 202 14.69 24.38 6.16
C ARG L 202 15.67 25.05 5.19
N GLU L 203 15.50 26.35 4.95
CA GLU L 203 16.47 27.12 4.18
C GLU L 203 17.43 27.89 5.05
N ALA L 204 17.04 28.22 6.29
CA ALA L 204 17.94 28.94 7.19
C ALA L 204 19.06 28.04 7.70
N GLN L 205 18.84 26.72 7.74
CA GLN L 205 19.90 25.79 8.09
C GLN L 205 21.02 25.82 7.06
N GLU L 206 20.66 25.71 5.77
CA GLU L 206 21.65 25.85 4.71
C GLU L 206 22.18 27.28 4.61
N TYR L 207 21.42 28.27 5.06
CA TYR L 207 21.90 29.65 5.05
C TYR L 207 23.03 29.85 6.04
N LEU L 208 22.86 29.41 7.28
CA LEU L 208 23.98 29.59 8.21
C LEU L 208 25.05 28.51 8.05
N LYS L 209 24.74 27.40 7.37
CA LYS L 209 25.79 26.46 7.01
C LYS L 209 26.65 26.97 5.86
N ASP L 210 26.07 27.75 4.95
CA ASP L 210 26.85 28.34 3.86
C ASP L 210 27.57 29.61 4.31
N LEU L 211 27.07 30.27 5.36
CA LEU L 211 27.76 31.43 5.91
C LEU L 211 29.04 31.04 6.65
N THR L 212 29.16 29.77 7.08
CA THR L 212 30.36 29.27 7.72
C THR L 212 31.30 28.74 6.64
N LEU L 213 32.34 28.01 7.07
CA LEU L 213 33.36 27.37 6.20
C LEU L 213 34.08 28.35 5.29
#